data_2RFG
#
_entry.id   2RFG
#
_cell.length_a   67.061
_cell.length_b   120.644
_cell.length_c   161.137
_cell.angle_alpha   90.00
_cell.angle_beta   90.00
_cell.angle_gamma   90.00
#
_symmetry.space_group_name_H-M   'P 21 21 21'
#
loop_
_entity.id
_entity.type
_entity.pdbx_description
1 polymer 'Dihydrodipicolinate synthase'
2 non-polymer 'MAGNESIUM ION'
3 non-polymer ETHANOL
4 water water
#
_entity_poly.entity_id   1
_entity_poly.type   'polypeptide(L)'
_entity_poly.pdbx_seq_one_letter_code
;MFRGSLIAMITPFINGQVDEKALAGLVDWQIKHGAHGLVPVGTTGESPTLTEEEHKRVVALVAEQAQGRVPVIAGAGSNN
PVEAVRYAQHAQQAGADAVLCVAGYYNRPSQEGLYQHFKMVHDAIDIPIIVYNIPPRAVVDIKPETMARLAALPRIVGVK
DATTDLARISRERMLINKPFSFLSGDDMTAIAYNASGGQGCISVSANIAPALYGQMQTATLQGDFREALRIHDLLAPLHE
ALFREPSPAGAKYAASLLGLCNEECRLPIVPLSEQTKSDIKNIINELYRLEHHHHHH
;
_entity_poly.pdbx_strand_id   A,B,C,D
#
# COMPACT_ATOMS: atom_id res chain seq x y z
N MET A 1 26.52 13.12 15.93
CA MET A 1 26.73 13.32 17.39
C MET A 1 26.49 11.99 18.07
N PHE A 2 25.71 11.15 17.40
CA PHE A 2 25.30 9.87 17.93
C PHE A 2 25.64 8.81 16.91
N ARG A 3 26.27 7.73 17.38
CA ARG A 3 26.84 6.70 16.51
C ARG A 3 26.68 5.35 17.15
N GLY A 4 26.46 4.32 16.33
CA GLY A 4 26.49 2.93 16.80
C GLY A 4 25.16 2.43 17.32
N SER A 5 25.22 1.62 18.37
CA SER A 5 24.06 0.94 18.91
C SER A 5 23.40 1.75 20.02
N LEU A 6 22.29 2.41 19.69
CA LEU A 6 21.52 3.20 20.64
CA LEU A 6 21.53 3.17 20.66
C LEU A 6 20.26 2.41 20.97
N ILE A 7 19.88 2.38 22.25
CA ILE A 7 18.80 1.48 22.65
C ILE A 7 17.49 2.22 22.85
N ALA A 8 16.46 1.77 22.13
CA ALA A 8 15.10 2.29 22.34
C ALA A 8 14.56 1.60 23.59
N MET A 9 14.82 2.20 24.75
CA MET A 9 14.59 1.49 26.02
C MET A 9 13.15 1.10 26.28
N ILE A 10 12.96 -0.14 26.73
CA ILE A 10 11.70 -0.53 27.36
C ILE A 10 11.49 0.22 28.69
N THR A 11 10.23 0.40 29.07
CA THR A 11 9.89 0.95 30.39
C THR A 11 9.26 -0.17 31.22
N PRO A 12 9.91 -0.58 32.31
CA PRO A 12 9.40 -1.68 33.13
C PRO A 12 8.29 -1.25 34.06
N PHE A 13 7.35 -2.16 34.33
CA PHE A 13 6.21 -1.91 35.21
C PHE A 13 6.10 -2.95 36.30
N ILE A 14 5.49 -2.55 37.41
CA ILE A 14 5.02 -3.51 38.40
C ILE A 14 3.66 -3.02 38.88
N ASN A 15 2.68 -3.93 38.91
CA ASN A 15 1.29 -3.52 39.13
C ASN A 15 0.85 -2.37 38.23
N GLY A 16 1.39 -2.36 37.01
CA GLY A 16 1.03 -1.33 36.06
C GLY A 16 1.72 0.00 36.27
N GLN A 17 2.49 0.14 37.35
CA GLN A 17 3.20 1.39 37.66
C GLN A 17 4.65 1.30 37.20
N VAL A 18 5.27 2.44 36.91
CA VAL A 18 6.67 2.40 36.48
C VAL A 18 7.55 1.84 37.60
N ASP A 19 8.32 0.79 37.27
CA ASP A 19 9.23 0.15 38.20
C ASP A 19 10.56 0.88 38.08
N GLU A 20 10.72 1.92 38.91
CA GLU A 20 11.93 2.73 38.90
C GLU A 20 13.18 1.92 39.27
N LYS A 21 13.03 0.98 40.18
CA LYS A 21 14.15 0.11 40.54
CA LYS A 21 14.14 0.11 40.55
C LYS A 21 14.63 -0.68 39.33
N ALA A 22 13.69 -1.30 38.63
CA ALA A 22 14.06 -2.06 37.43
C ALA A 22 14.63 -1.13 36.35
N LEU A 23 14.06 0.06 36.22
CA LEU A 23 14.51 0.99 35.17
C LEU A 23 15.96 1.42 35.43
N ALA A 24 16.27 1.79 36.67
CA ALA A 24 17.66 2.15 37.00
C ALA A 24 18.60 0.98 36.76
N GLY A 25 18.16 -0.23 37.11
CA GLY A 25 18.98 -1.42 36.88
C GLY A 25 19.20 -1.69 35.41
N LEU A 26 18.18 -1.41 34.61
CA LEU A 26 18.27 -1.58 33.17
CA LEU A 26 18.26 -1.57 33.15
C LEU A 26 19.28 -0.60 32.54
N VAL A 27 19.25 0.64 33.00
CA VAL A 27 20.23 1.64 32.54
C VAL A 27 21.65 1.12 32.82
N ASP A 28 21.90 0.69 34.06
CA ASP A 28 23.23 0.22 34.43
C ASP A 28 23.63 -1.03 33.62
N TRP A 29 22.71 -1.98 33.45
CA TRP A 29 23.03 -3.24 32.78
C TRP A 29 23.29 -2.99 31.29
N GLN A 30 22.46 -2.16 30.67
CA GLN A 30 22.62 -1.87 29.24
C GLN A 30 23.93 -1.12 28.96
N ILE A 31 24.28 -0.17 29.83
CA ILE A 31 25.59 0.50 29.69
C ILE A 31 26.74 -0.48 29.92
N LYS A 32 26.63 -1.32 30.95
CA LYS A 32 27.69 -2.30 31.23
C LYS A 32 27.94 -3.20 30.03
N HIS A 33 26.86 -3.57 29.34
CA HIS A 33 26.93 -4.56 28.27
C HIS A 33 26.92 -3.97 26.87
N GLY A 34 27.28 -2.69 26.77
CA GLY A 34 27.69 -2.14 25.47
C GLY A 34 26.78 -1.15 24.78
N ALA A 35 25.79 -0.59 25.47
CA ALA A 35 24.99 0.49 24.86
C ALA A 35 25.89 1.64 24.45
N HIS A 36 25.65 2.20 23.26
CA HIS A 36 26.30 3.46 22.86
C HIS A 36 25.50 4.73 23.18
N GLY A 37 24.22 4.53 23.55
CA GLY A 37 23.33 5.62 23.90
C GLY A 37 22.02 4.99 24.30
N LEU A 38 21.20 5.78 24.99
CA LEU A 38 19.92 5.31 25.50
C LEU A 38 18.84 6.25 25.04
N VAL A 39 17.73 5.69 24.56
CA VAL A 39 16.63 6.47 24.00
C VAL A 39 15.33 6.08 24.71
N PRO A 40 15.12 6.62 25.92
CA PRO A 40 13.92 6.27 26.65
C PRO A 40 12.68 6.95 26.13
N VAL A 41 11.53 6.35 26.46
CA VAL A 41 10.20 6.90 26.16
CA VAL A 41 10.19 6.88 26.15
C VAL A 41 9.95 7.25 24.69
N GLY A 42 10.38 6.37 23.80
CA GLY A 42 9.82 6.28 22.44
C GLY A 42 8.62 5.32 22.53
N THR A 43 8.08 4.83 21.41
CA THR A 43 6.97 3.87 21.54
C THR A 43 7.44 2.55 22.14
N THR A 44 8.71 2.20 21.94
CA THR A 44 9.22 0.98 22.60
C THR A 44 9.16 1.10 24.13
N GLY A 45 9.31 2.34 24.62
CA GLY A 45 9.17 2.65 26.04
C GLY A 45 7.74 2.98 26.45
N GLU A 46 6.79 2.70 25.54
CA GLU A 46 5.35 2.87 25.79
C GLU A 46 4.96 4.32 26.10
N SER A 47 5.62 5.26 25.42
CA SER A 47 5.25 6.67 25.50
C SER A 47 3.72 6.92 25.38
N PRO A 48 3.03 6.22 24.46
CA PRO A 48 1.59 6.52 24.34
C PRO A 48 0.74 6.26 25.59
N THR A 49 1.17 5.35 26.45
CA THR A 49 0.35 5.00 27.59
C THR A 49 0.91 5.50 28.92
N LEU A 50 2.05 6.20 28.87
CA LEU A 50 2.55 6.93 30.05
C LEU A 50 1.85 8.27 30.14
N THR A 51 1.53 8.71 31.34
CA THR A 51 1.02 10.07 31.51
C THR A 51 2.15 11.04 31.21
N GLU A 52 1.81 12.29 30.95
CA GLU A 52 2.83 13.30 30.74
C GLU A 52 3.83 13.34 31.90
N GLU A 53 3.32 13.25 33.13
CA GLU A 53 4.20 13.30 34.29
C GLU A 53 5.08 12.06 34.42
N GLU A 54 4.50 10.89 34.12
CA GLU A 54 5.29 9.66 34.12
C GLU A 54 6.42 9.72 33.10
N HIS A 55 6.10 10.23 31.92
CA HIS A 55 7.06 10.38 30.83
C HIS A 55 8.27 11.18 31.32
N LYS A 56 7.99 12.33 31.92
CA LYS A 56 9.02 13.22 32.44
C LYS A 56 9.84 12.52 33.52
N ARG A 57 9.18 11.82 34.44
CA ARG A 57 9.93 11.18 35.50
C ARG A 57 10.84 10.04 35.00
N VAL A 58 10.40 9.32 33.98
CA VAL A 58 11.22 8.29 33.34
C VAL A 58 12.46 8.91 32.69
N VAL A 59 12.28 9.97 31.91
CA VAL A 59 13.41 10.65 31.29
C VAL A 59 14.42 11.13 32.35
N ALA A 60 13.92 11.76 33.41
CA ALA A 60 14.79 12.24 34.48
C ALA A 60 15.60 11.11 35.11
N LEU A 61 14.95 9.99 35.39
CA LEU A 61 15.66 8.88 35.99
C LEU A 61 16.75 8.35 35.07
N VAL A 62 16.44 8.18 33.79
CA VAL A 62 17.43 7.62 32.87
C VAL A 62 18.62 8.59 32.71
N ALA A 63 18.33 9.88 32.57
CA ALA A 63 19.41 10.86 32.48
C ALA A 63 20.30 10.84 33.72
N GLU A 64 19.68 10.82 34.89
CA GLU A 64 20.44 10.78 36.14
CA GLU A 64 20.43 10.77 36.14
C GLU A 64 21.26 9.49 36.27
N GLN A 65 20.61 8.34 36.05
CA GLN A 65 21.29 7.06 36.25
C GLN A 65 22.41 6.83 35.23
N ALA A 66 22.24 7.38 34.03
CA ALA A 66 23.28 7.22 33.01
C ALA A 66 24.58 7.90 33.44
N GLN A 67 24.45 8.95 34.25
CA GLN A 67 25.62 9.65 34.82
C GLN A 67 26.65 10.06 33.74
N GLY A 68 26.14 10.47 32.58
CA GLY A 68 26.95 10.95 31.48
C GLY A 68 27.81 9.92 30.78
N ARG A 69 27.59 8.65 31.09
CA ARG A 69 28.42 7.59 30.53
C ARG A 69 28.18 7.33 29.06
N VAL A 70 26.93 7.54 28.64
CA VAL A 70 26.51 7.46 27.24
C VAL A 70 25.46 8.56 27.03
N PRO A 71 25.27 9.02 25.77
CA PRO A 71 24.22 10.01 25.49
C PRO A 71 22.83 9.46 25.79
N VAL A 72 21.98 10.33 26.32
CA VAL A 72 20.58 10.03 26.56
C VAL A 72 19.75 10.93 25.65
N ILE A 73 19.00 10.31 24.75
CA ILE A 73 18.15 11.01 23.79
C ILE A 73 16.73 10.74 24.22
N ALA A 74 16.05 11.75 24.75
CA ALA A 74 14.73 11.54 25.34
C ALA A 74 13.63 11.63 24.30
N GLY A 75 12.69 10.68 24.33
CA GLY A 75 11.53 10.79 23.46
C GLY A 75 10.76 12.05 23.81
N ALA A 76 10.41 12.83 22.79
CA ALA A 76 9.54 13.99 22.95
C ALA A 76 8.52 14.01 21.82
N GLY A 77 7.90 12.85 21.59
CA GLY A 77 6.93 12.71 20.53
C GLY A 77 5.55 13.15 20.95
N SER A 78 4.82 13.70 19.98
CA SER A 78 3.39 13.97 20.12
C SER A 78 2.87 14.37 18.76
N ASN A 79 1.57 14.23 18.56
CA ASN A 79 0.93 14.83 17.39
C ASN A 79 0.48 16.28 17.62
N ASN A 80 0.72 16.76 18.84
CA ASN A 80 0.48 18.15 19.20
C ASN A 80 1.82 18.82 19.55
N PRO A 81 2.28 19.78 18.70
CA PRO A 81 3.59 20.37 19.00
C PRO A 81 3.67 21.11 20.34
N VAL A 82 2.54 21.60 20.83
CA VAL A 82 2.51 22.25 22.14
C VAL A 82 2.92 21.23 23.24
N GLU A 83 2.42 20.01 23.14
CA GLU A 83 2.80 18.94 24.07
C GLU A 83 4.26 18.50 23.87
N ALA A 84 4.67 18.37 22.60
CA ALA A 84 6.06 18.02 22.31
C ALA A 84 7.04 19.03 22.93
N VAL A 85 6.69 20.33 22.84
CA VAL A 85 7.51 21.37 23.45
C VAL A 85 7.68 21.11 24.96
N ARG A 86 6.57 20.77 25.64
CA ARG A 86 6.66 20.51 27.08
C ARG A 86 7.58 19.32 27.39
N TYR A 87 7.47 18.24 26.61
CA TYR A 87 8.36 17.10 26.80
C TYR A 87 9.81 17.46 26.58
N ALA A 88 10.07 18.24 25.53
CA ALA A 88 11.45 18.58 25.19
C ALA A 88 12.08 19.52 26.21
N GLN A 89 11.28 20.49 26.69
CA GLN A 89 11.75 21.41 27.73
C GLN A 89 12.06 20.67 29.02
N HIS A 90 11.20 19.73 29.40
CA HIS A 90 11.51 18.96 30.58
C HIS A 90 12.79 18.14 30.37
N ALA A 91 12.89 17.49 29.21
CA ALA A 91 14.07 16.67 28.91
C ALA A 91 15.36 17.46 29.09
N GLN A 92 15.38 18.70 28.58
CA GLN A 92 16.56 19.54 28.72
C GLN A 92 16.86 19.82 30.18
N GLN A 93 15.84 20.21 30.92
CA GLN A 93 16.01 20.53 32.35
C GLN A 93 16.47 19.33 33.15
N ALA A 94 16.06 18.14 32.71
CA ALA A 94 16.42 16.88 33.38
C ALA A 94 17.81 16.37 32.99
N GLY A 95 18.44 17.01 32.02
CA GLY A 95 19.80 16.67 31.65
C GLY A 95 19.95 15.71 30.50
N ALA A 96 18.87 15.54 29.72
CA ALA A 96 18.97 14.77 28.48
C ALA A 96 19.91 15.49 27.52
N ASP A 97 20.60 14.72 26.67
CA ASP A 97 21.53 15.28 25.70
C ASP A 97 20.88 15.74 24.40
N ALA A 98 19.72 15.16 24.09
CA ALA A 98 18.99 15.45 22.86
C ALA A 98 17.58 14.92 23.05
N VAL A 99 16.71 15.21 22.07
CA VAL A 99 15.36 14.63 22.04
C VAL A 99 15.10 13.96 20.70
N LEU A 100 14.23 12.96 20.74
CA LEU A 100 13.77 12.23 19.56
C LEU A 100 12.30 12.61 19.35
N CYS A 101 11.99 13.16 18.16
CA CYS A 101 10.65 13.75 17.93
C CYS A 101 9.95 13.20 16.70
N VAL A 102 8.86 12.48 16.94
CA VAL A 102 7.89 12.15 15.90
C VAL A 102 6.80 13.22 15.88
N ALA A 103 6.11 13.37 14.76
CA ALA A 103 5.02 14.34 14.62
C ALA A 103 3.92 13.78 13.73
N GLY A 104 2.71 14.32 13.88
CA GLY A 104 1.68 14.19 12.85
C GLY A 104 0.93 12.87 12.76
N TYR A 105 1.17 11.94 13.68
CA TYR A 105 0.36 10.72 13.64
C TYR A 105 -1.11 11.03 13.95
N TYR A 106 -2.00 10.35 13.24
CA TYR A 106 -3.44 10.44 13.41
C TYR A 106 -4.07 11.72 12.83
N ASN A 107 -3.59 12.90 13.23
CA ASN A 107 -4.08 14.13 12.58
C ASN A 107 -3.59 14.35 11.15
N ARG A 108 -2.46 13.73 10.79
CA ARG A 108 -2.03 13.59 9.39
C ARG A 108 -1.86 14.94 8.64
N PRO A 109 -0.98 15.83 9.15
CA PRO A 109 -0.78 17.14 8.53
C PRO A 109 0.05 17.10 7.24
N SER A 110 0.11 18.26 6.60
CA SER A 110 0.95 18.50 5.42
C SER A 110 2.43 18.57 5.77
N GLN A 111 3.27 18.62 4.74
CA GLN A 111 4.70 18.81 4.94
C GLN A 111 4.99 20.13 5.69
N GLU A 112 4.26 21.19 5.34
CA GLU A 112 4.44 22.47 6.02
C GLU A 112 4.04 22.38 7.50
N GLY A 113 2.96 21.64 7.78
CA GLY A 113 2.53 21.41 9.17
C GLY A 113 3.59 20.68 9.97
N LEU A 114 4.18 19.65 9.36
CA LEU A 114 5.26 18.91 10.00
C LEU A 114 6.46 19.83 10.27
N TYR A 115 6.83 20.61 9.26
CA TYR A 115 7.92 21.55 9.43
C TYR A 115 7.69 22.50 10.61
N GLN A 116 6.49 23.09 10.66
CA GLN A 116 6.17 24.02 11.74
C GLN A 116 6.18 23.36 13.12
N HIS A 117 5.74 22.10 13.19
CA HIS A 117 5.79 21.35 14.44
C HIS A 117 7.24 21.26 14.94
N PHE A 118 8.12 20.78 14.06
CA PHE A 118 9.52 20.61 14.45
C PHE A 118 10.19 21.93 14.74
N LYS A 119 9.84 22.97 13.99
CA LYS A 119 10.42 24.30 14.24
C LYS A 119 10.01 24.83 15.61
N MET A 120 8.76 24.59 16.01
CA MET A 120 8.29 24.99 17.33
CA MET A 120 8.28 24.96 17.35
C MET A 120 9.13 24.32 18.42
N VAL A 121 9.37 23.02 18.29
CA VAL A 121 10.15 22.31 19.29
C VAL A 121 11.59 22.84 19.30
N HIS A 122 12.17 22.97 18.10
CA HIS A 122 13.53 23.47 17.92
C HIS A 122 13.72 24.81 18.63
N ASP A 123 12.81 25.74 18.36
CA ASP A 123 12.96 27.11 18.86
C ASP A 123 12.74 27.23 20.37
N ALA A 124 12.13 26.21 20.97
CA ALA A 124 11.79 26.22 22.39
C ALA A 124 12.88 25.66 23.30
N ILE A 125 13.90 25.05 22.72
CA ILE A 125 14.94 24.35 23.51
C ILE A 125 16.35 24.67 23.02
N ASP A 126 17.34 24.29 23.82
CA ASP A 126 18.75 24.52 23.49
C ASP A 126 19.51 23.26 23.14
N ILE A 127 18.88 22.10 23.36
CA ILE A 127 19.51 20.81 23.04
C ILE A 127 19.08 20.33 21.65
N PRO A 128 19.89 19.45 21.04
CA PRO A 128 19.54 19.01 19.69
C PRO A 128 18.37 18.03 19.58
N ILE A 129 17.90 17.90 18.34
CA ILE A 129 16.74 17.08 17.96
C ILE A 129 17.15 16.06 16.91
N ILE A 130 16.70 14.83 17.13
CA ILE A 130 16.68 13.79 16.11
C ILE A 130 15.22 13.68 15.64
N VAL A 131 14.98 13.90 14.35
CA VAL A 131 13.66 13.80 13.71
CA VAL A 131 13.62 13.78 13.86
C VAL A 131 13.29 12.32 13.56
N TYR A 132 12.08 11.93 13.92
CA TYR A 132 11.66 10.54 13.84
C TYR A 132 10.70 10.35 12.67
N ASN A 133 11.17 9.69 11.60
CA ASN A 133 10.34 9.48 10.41
C ASN A 133 9.85 8.04 10.40
N ILE A 134 8.56 7.84 10.67
CA ILE A 134 8.02 6.50 10.79
C ILE A 134 6.61 6.37 10.17
N PRO A 135 6.53 6.52 8.83
CA PRO A 135 5.22 6.35 8.18
C PRO A 135 4.47 5.02 8.53
N PRO A 136 5.18 3.88 8.72
CA PRO A 136 4.43 2.68 9.10
C PRO A 136 3.57 2.78 10.36
N ARG A 137 3.89 3.70 11.26
CA ARG A 137 3.07 3.95 12.44
C ARG A 137 2.27 5.25 12.32
N ALA A 138 2.87 6.28 11.72
CA ALA A 138 2.31 7.64 11.75
C ALA A 138 1.56 8.04 10.49
N VAL A 139 1.70 7.21 9.44
CA VAL A 139 1.18 7.45 8.07
C VAL A 139 1.92 8.58 7.36
N VAL A 140 1.96 9.75 7.99
CA VAL A 140 2.73 10.86 7.44
C VAL A 140 4.19 10.47 7.27
N ASP A 141 4.80 11.08 6.25
CA ASP A 141 6.16 10.78 5.86
C ASP A 141 6.84 12.12 5.62
N ILE A 142 7.88 12.41 6.41
CA ILE A 142 8.72 13.59 6.16
C ILE A 142 9.54 13.37 4.88
N LYS A 143 9.18 14.06 3.81
CA LYS A 143 9.85 13.90 2.51
C LYS A 143 11.25 14.50 2.49
N PRO A 144 12.11 14.02 1.58
CA PRO A 144 13.51 14.50 1.56
C PRO A 144 13.66 16.02 1.56
N GLU A 145 12.85 16.73 0.77
CA GLU A 145 12.95 18.19 0.71
C GLU A 145 12.60 18.82 2.06
N THR A 146 11.66 18.21 2.77
CA THR A 146 11.27 18.67 4.09
C THR A 146 12.37 18.37 5.11
N MET A 147 12.97 17.19 4.99
CA MET A 147 14.11 16.82 5.82
C MET A 147 15.27 17.81 5.65
N ALA A 148 15.51 18.25 4.41
CA ALA A 148 16.58 19.22 4.13
C ALA A 148 16.25 20.57 4.76
N ARG A 149 14.98 20.99 4.68
CA ARG A 149 14.53 22.21 5.36
C ARG A 149 14.79 22.12 6.86
N LEU A 150 14.46 20.96 7.44
CA LEU A 150 14.72 20.72 8.87
C LEU A 150 16.22 20.77 9.19
N ALA A 151 17.05 20.16 8.34
CA ALA A 151 18.50 20.13 8.57
C ALA A 151 19.12 21.52 8.49
N ALA A 152 18.42 22.47 7.86
CA ALA A 152 18.86 23.85 7.80
C ALA A 152 18.76 24.56 9.17
N LEU A 153 17.97 24.00 10.07
CA LEU A 153 17.87 24.52 11.43
C LEU A 153 19.08 24.03 12.22
N PRO A 154 19.70 24.91 13.01
CA PRO A 154 21.00 24.59 13.60
C PRO A 154 21.01 23.41 14.57
N ARG A 155 19.89 23.17 15.26
CA ARG A 155 19.88 22.12 16.28
C ARG A 155 19.06 20.88 15.87
N ILE A 156 18.68 20.79 14.59
CA ILE A 156 18.20 19.51 14.07
C ILE A 156 19.44 18.78 13.55
N VAL A 157 19.80 17.67 14.19
CA VAL A 157 21.12 17.07 13.96
C VAL A 157 21.12 15.65 13.42
N GLY A 158 19.94 15.07 13.21
CA GLY A 158 19.87 13.73 12.69
C GLY A 158 18.45 13.24 12.51
N VAL A 159 18.33 11.99 12.07
CA VAL A 159 17.04 11.37 11.80
C VAL A 159 17.08 9.91 12.26
N LYS A 160 15.97 9.48 12.85
CA LYS A 160 15.70 8.05 13.06
C LYS A 160 14.78 7.64 11.91
N ASP A 161 15.35 6.93 10.94
CA ASP A 161 14.62 6.58 9.72
C ASP A 161 13.99 5.21 9.84
N ALA A 162 12.70 5.20 10.11
CA ALA A 162 11.93 3.96 10.22
C ALA A 162 10.95 3.82 9.04
N THR A 163 11.33 4.39 7.90
CA THR A 163 10.50 4.25 6.71
C THR A 163 10.55 2.82 6.15
N THR A 164 11.66 2.13 6.41
CA THR A 164 12.02 0.85 5.76
C THR A 164 12.23 0.98 4.26
N ASP A 165 12.30 2.20 3.77
CA ASP A 165 12.61 2.49 2.36
C ASP A 165 14.09 2.80 2.27
N LEU A 166 14.87 1.81 1.84
CA LEU A 166 16.32 1.96 1.85
C LEU A 166 16.87 2.92 0.80
N ALA A 167 16.00 3.36 -0.12
CA ALA A 167 16.38 4.41 -1.07
C ALA A 167 16.30 5.79 -0.43
N ARG A 168 15.63 5.91 0.72
CA ARG A 168 15.38 7.24 1.29
C ARG A 168 16.64 7.95 1.75
N ILE A 169 17.52 7.22 2.41
CA ILE A 169 18.73 7.85 2.93
C ILE A 169 19.58 8.50 1.81
N SER A 170 19.66 7.87 0.64
CA SER A 170 20.37 8.42 -0.51
C SER A 170 19.78 9.80 -0.88
N ARG A 171 18.45 9.86 -0.91
CA ARG A 171 17.74 11.10 -1.27
C ARG A 171 17.99 12.22 -0.27
N GLU A 172 18.02 11.88 1.01
CA GLU A 172 18.31 12.87 2.05
C GLU A 172 19.77 13.33 2.01
N ARG A 173 20.67 12.36 1.91
CA ARG A 173 22.10 12.66 1.88
C ARG A 173 22.48 13.66 0.78
N MET A 174 21.86 13.51 -0.39
CA MET A 174 22.08 14.41 -1.54
C MET A 174 21.72 15.87 -1.23
N LEU A 175 20.86 16.08 -0.25
CA LEU A 175 20.29 17.39 0.04
C LEU A 175 20.81 18.03 1.32
N ILE A 176 21.54 17.26 2.12
CA ILE A 176 22.00 17.71 3.42
C ILE A 176 23.52 17.88 3.39
N ASN A 177 24.01 19.04 3.86
CA ASN A 177 25.40 19.43 3.70
C ASN A 177 26.11 19.85 4.99
N LYS A 178 25.73 19.18 6.08
CA LYS A 178 26.37 19.34 7.37
C LYS A 178 26.46 17.96 8.02
N PRO A 179 27.33 17.81 9.05
CA PRO A 179 27.30 16.56 9.81
C PRO A 179 25.87 16.29 10.27
N PHE A 180 25.42 15.06 10.07
CA PHE A 180 24.02 14.69 10.33
C PHE A 180 24.00 13.23 10.73
N SER A 181 23.36 12.93 11.86
CA SER A 181 23.33 11.57 12.37
CA SER A 181 23.33 11.56 12.36
C SER A 181 22.20 10.78 11.71
N PHE A 182 22.50 10.10 10.61
CA PHE A 182 21.55 9.20 9.98
C PHE A 182 21.53 7.89 10.75
N LEU A 183 20.40 7.61 11.40
CA LEU A 183 20.25 6.44 12.28
C LEU A 183 19.08 5.58 11.81
N SER A 184 19.31 4.28 11.70
CA SER A 184 18.24 3.38 11.33
C SER A 184 17.21 3.30 12.45
N GLY A 185 15.95 3.21 12.06
CA GLY A 185 14.89 2.91 13.03
C GLY A 185 14.30 1.53 12.78
N ASP A 186 15.06 0.64 12.13
CA ASP A 186 14.58 -0.70 11.80
C ASP A 186 15.71 -1.72 11.96
N ASP A 187 15.62 -2.55 13.00
CA ASP A 187 16.66 -3.53 13.27
C ASP A 187 16.96 -4.46 12.11
N MET A 188 15.93 -4.92 11.41
CA MET A 188 16.16 -5.91 10.37
C MET A 188 17.00 -5.37 9.20
N THR A 189 16.95 -4.05 8.98
CA THR A 189 17.69 -3.46 7.86
C THR A 189 18.82 -2.55 8.33
N ALA A 190 19.26 -2.71 9.57
CA ALA A 190 20.29 -1.84 10.15
C ALA A 190 21.60 -1.87 9.35
N ILE A 191 22.01 -3.07 8.90
CA ILE A 191 23.26 -3.20 8.13
C ILE A 191 23.11 -2.51 6.78
N ALA A 192 21.98 -2.76 6.10
CA ALA A 192 21.69 -2.11 4.82
C ALA A 192 21.73 -0.59 4.96
N TYR A 193 21.16 -0.07 6.04
CA TYR A 193 21.13 1.37 6.27
C TYR A 193 22.52 1.96 6.44
N ASN A 194 23.35 1.33 7.26
CA ASN A 194 24.71 1.81 7.45
C ASN A 194 25.55 1.72 6.18
N ALA A 195 25.38 0.64 5.40
CA ALA A 195 26.08 0.54 4.11
C ALA A 195 25.73 1.68 3.17
N SER A 196 24.52 2.23 3.35
CA SER A 196 23.98 3.29 2.50
C SER A 196 24.26 4.68 3.05
N GLY A 197 25.04 4.77 4.14
CA GLY A 197 25.44 6.07 4.67
C GLY A 197 25.06 6.31 6.12
N GLY A 198 24.31 5.37 6.71
CA GLY A 198 23.92 5.48 8.12
C GLY A 198 25.11 5.29 9.06
N GLN A 199 24.95 5.76 10.30
CA GLN A 199 26.04 5.66 11.27
C GLN A 199 25.61 5.04 12.57
N GLY A 200 24.45 4.40 12.58
CA GLY A 200 23.99 3.71 13.79
C GLY A 200 22.53 3.33 13.66
N CYS A 201 21.97 2.87 14.79
CA CYS A 201 20.58 2.44 14.83
C CYS A 201 20.03 2.67 16.21
N ILE A 202 18.81 3.15 16.27
CA ILE A 202 18.06 3.23 17.52
C ILE A 202 17.19 1.97 17.50
N SER A 203 17.61 1.02 18.33
CA SER A 203 17.26 -0.39 18.22
C SER A 203 16.38 -0.90 19.35
N VAL A 204 15.42 -1.76 18.99
CA VAL A 204 14.63 -2.47 20.00
C VAL A 204 15.40 -3.69 20.50
N SER A 205 15.97 -4.46 19.57
CA SER A 205 16.60 -5.72 19.96
C SER A 205 17.84 -5.54 20.82
N ALA A 206 18.49 -4.38 20.71
CA ALA A 206 19.63 -4.07 21.57
C ALA A 206 19.25 -4.00 23.06
N ASN A 207 17.96 -3.90 23.38
CA ASN A 207 17.56 -3.99 24.79
C ASN A 207 17.99 -5.31 25.40
N ILE A 208 18.00 -6.35 24.56
CA ILE A 208 18.11 -7.75 24.99
C ILE A 208 19.49 -8.33 24.73
N ALA A 209 20.11 -7.92 23.62
CA ALA A 209 21.45 -8.37 23.25
C ALA A 209 22.33 -7.14 22.98
N PRO A 210 22.51 -6.27 24.00
CA PRO A 210 23.29 -5.06 23.75
C PRO A 210 24.73 -5.35 23.31
N ALA A 211 25.33 -6.41 23.83
CA ALA A 211 26.73 -6.66 23.52
C ALA A 211 26.90 -7.07 22.06
N LEU A 212 26.11 -8.04 21.61
CA LEU A 212 26.18 -8.44 20.20
C LEU A 212 25.77 -7.34 19.24
N TYR A 213 24.70 -6.61 19.58
CA TYR A 213 24.27 -5.51 18.75
CA TYR A 213 24.28 -5.51 18.73
C TYR A 213 25.36 -4.44 18.65
N GLY A 214 26.02 -4.16 19.77
CA GLY A 214 27.13 -3.21 19.80
C GLY A 214 28.26 -3.67 18.89
N GLN A 215 28.53 -4.97 18.91
CA GLN A 215 29.57 -5.55 18.08
C GLN A 215 29.19 -5.46 16.58
N MET A 216 27.92 -5.68 16.29
CA MET A 216 27.44 -5.60 14.89
C MET A 216 27.59 -4.18 14.37
N GLN A 217 27.14 -3.21 15.15
CA GLN A 217 27.26 -1.81 14.77
C GLN A 217 28.72 -1.40 14.60
N THR A 218 29.55 -1.81 15.56
CA THR A 218 30.99 -1.54 15.48
C THR A 218 31.58 -2.06 14.16
N ALA A 219 31.23 -3.31 13.82
CA ALA A 219 31.72 -3.89 12.57
C ALA A 219 31.34 -3.03 11.36
N THR A 220 30.11 -2.54 11.30
CA THR A 220 29.73 -1.71 10.16
C THR A 220 30.53 -0.40 10.11
N LEU A 221 30.77 0.20 11.29
CA LEU A 221 31.56 1.45 11.35
C LEU A 221 33.04 1.23 11.04
N GLN A 222 33.51 0.00 11.27
CA GLN A 222 34.86 -0.40 10.86
C GLN A 222 34.97 -0.69 9.38
N GLY A 223 33.83 -0.82 8.71
CA GLY A 223 33.78 -1.22 7.31
C GLY A 223 33.78 -2.72 7.08
N ASP A 224 33.69 -3.51 8.16
CA ASP A 224 33.68 -4.96 8.06
C ASP A 224 32.24 -5.47 8.02
N PHE A 225 31.64 -5.36 6.84
CA PHE A 225 30.25 -5.78 6.66
C PHE A 225 30.06 -7.28 6.64
N ARG A 226 31.15 -8.00 6.41
CA ARG A 226 31.10 -9.47 6.48
C ARG A 226 30.90 -9.92 7.92
N GLU A 227 31.71 -9.37 8.84
CA GLU A 227 31.51 -9.65 10.26
C GLU A 227 30.15 -9.16 10.74
N ALA A 228 29.74 -7.96 10.31
CA ALA A 228 28.43 -7.43 10.71
C ALA A 228 27.33 -8.42 10.30
N LEU A 229 27.42 -8.94 9.07
CA LEU A 229 26.38 -9.85 8.60
C LEU A 229 26.38 -11.19 9.37
N ARG A 230 27.56 -11.67 9.72
CA ARG A 230 27.62 -12.89 10.53
C ARG A 230 26.93 -12.68 11.89
N ILE A 231 27.08 -11.49 12.48
CA ILE A 231 26.41 -11.20 13.75
C ILE A 231 24.91 -11.04 13.54
N HIS A 232 24.54 -10.34 12.47
CA HIS A 232 23.14 -10.22 12.08
C HIS A 232 22.47 -11.58 11.96
N ASP A 233 23.18 -12.55 11.38
CA ASP A 233 22.63 -13.91 11.22
C ASP A 233 22.40 -14.60 12.57
N LEU A 234 23.26 -14.32 13.54
CA LEU A 234 23.09 -14.87 14.89
CA LEU A 234 23.10 -14.87 14.88
C LEU A 234 21.86 -14.27 15.57
N LEU A 235 21.58 -13.00 15.28
CA LEU A 235 20.48 -12.24 15.90
C LEU A 235 19.15 -12.36 15.17
N ALA A 236 19.17 -13.01 14.01
CA ALA A 236 17.99 -13.07 13.14
C ALA A 236 16.78 -13.71 13.81
N PRO A 237 16.95 -14.92 14.42
CA PRO A 237 15.84 -15.53 15.15
C PRO A 237 15.31 -14.61 16.26
N LEU A 238 16.21 -13.90 16.96
CA LEU A 238 15.77 -12.97 18.01
C LEU A 238 14.91 -11.83 17.44
N HIS A 239 15.35 -11.17 16.38
CA HIS A 239 14.57 -10.09 15.76
CA HIS A 239 14.55 -10.10 15.82
C HIS A 239 13.16 -10.60 15.44
N GLU A 240 13.08 -11.74 14.75
CA GLU A 240 11.77 -12.28 14.37
C GLU A 240 10.86 -12.50 15.57
N ALA A 241 11.41 -13.13 16.62
CA ALA A 241 10.61 -13.46 17.80
C ALA A 241 10.18 -12.20 18.56
N LEU A 242 11.06 -11.20 18.62
CA LEU A 242 10.72 -9.94 19.31
C LEU A 242 9.66 -9.09 18.62
N PHE A 243 9.40 -9.37 17.34
CA PHE A 243 8.43 -8.58 16.59
C PHE A 243 7.25 -9.38 16.08
N ARG A 244 7.20 -10.65 16.46
CA ARG A 244 6.12 -11.54 16.01
C ARG A 244 4.74 -11.02 16.43
N GLU A 245 4.64 -10.64 17.70
CA GLU A 245 3.47 -9.95 18.24
C GLU A 245 3.84 -8.47 18.43
N PRO A 246 2.84 -7.57 18.55
CA PRO A 246 3.20 -6.15 18.62
C PRO A 246 4.16 -5.76 19.76
N SER A 247 5.29 -5.21 19.35
CA SER A 247 6.30 -4.70 20.26
C SER A 247 5.71 -3.56 21.10
N PRO A 248 6.17 -3.39 22.35
CA PRO A 248 7.28 -4.08 23.04
C PRO A 248 6.94 -5.34 23.85
N ALA A 249 5.83 -6.03 23.56
CA ALA A 249 5.51 -7.24 24.33
C ALA A 249 6.70 -8.22 24.35
N GLY A 250 7.30 -8.44 23.19
CA GLY A 250 8.41 -9.39 23.06
C GLY A 250 9.64 -8.98 23.86
N ALA A 251 10.09 -7.74 23.68
CA ALA A 251 11.27 -7.25 24.40
C ALA A 251 11.06 -7.29 25.91
N LYS A 252 9.85 -6.93 26.35
CA LYS A 252 9.60 -6.91 27.79
C LYS A 252 9.67 -8.32 28.37
N TYR A 253 9.11 -9.31 27.67
CA TYR A 253 9.23 -10.70 28.11
C TYR A 253 10.69 -11.20 28.09
N ALA A 254 11.41 -10.90 27.03
CA ALA A 254 12.81 -11.33 26.96
C ALA A 254 13.62 -10.74 28.13
N ALA A 255 13.40 -9.46 28.44
CA ALA A 255 14.12 -8.82 29.55
C ALA A 255 13.77 -9.49 30.88
N SER A 256 12.54 -9.97 31.02
CA SER A 256 12.14 -10.66 32.24
C SER A 256 12.91 -11.98 32.42
N LEU A 257 13.20 -12.65 31.31
CA LEU A 257 13.99 -13.89 31.35
C LEU A 257 15.44 -13.65 31.78
N LEU A 258 15.93 -12.44 31.52
CA LEU A 258 17.28 -12.05 31.94
C LEU A 258 17.31 -11.56 33.39
N GLY A 259 16.15 -11.54 34.04
CA GLY A 259 16.03 -11.13 35.44
C GLY A 259 16.01 -9.62 35.66
N LEU A 260 15.71 -8.87 34.60
CA LEU A 260 15.86 -7.41 34.65
C LEU A 260 14.58 -6.67 35.02
N CYS A 261 13.43 -7.30 34.79
CA CYS A 261 12.14 -6.67 35.02
C CYS A 261 11.01 -7.65 34.87
N ASN A 262 9.80 -7.21 35.18
CA ASN A 262 8.61 -8.00 34.88
C ASN A 262 8.26 -7.94 33.39
N GLU A 263 7.49 -8.93 32.93
CA GLU A 263 7.09 -8.95 31.52
C GLU A 263 5.95 -7.98 31.16
N GLU A 264 5.30 -7.41 32.19
CA GLU A 264 4.08 -6.64 31.99
C GLU A 264 4.25 -5.43 31.06
N CYS A 265 3.28 -5.26 30.15
CA CYS A 265 3.11 -4.02 29.39
C CYS A 265 1.72 -3.46 29.64
N ARG A 266 1.51 -2.19 29.30
CA ARG A 266 0.18 -1.57 29.45
C ARG A 266 -0.68 -1.79 28.21
N LEU A 267 -1.97 -2.04 28.41
CA LEU A 267 -2.90 -2.09 27.28
C LEU A 267 -2.74 -0.82 26.43
N PRO A 268 -2.82 -0.93 25.10
CA PRO A 268 -3.29 -2.09 24.31
C PRO A 268 -2.21 -3.13 23.95
N ILE A 269 -1.02 -3.02 24.54
CA ILE A 269 -0.03 -4.09 24.39
C ILE A 269 -0.51 -5.22 25.31
N VAL A 270 -0.49 -6.46 24.81
CA VAL A 270 -1.10 -7.58 25.53
C VAL A 270 -0.08 -8.70 25.79
N PRO A 271 -0.38 -9.60 26.75
CA PRO A 271 0.55 -10.71 27.01
C PRO A 271 0.80 -11.58 25.77
N LEU A 272 2.03 -12.06 25.65
CA LEU A 272 2.42 -12.96 24.57
C LEU A 272 1.72 -14.30 24.66
N SER A 273 1.58 -14.95 23.51
CA SER A 273 1.13 -16.35 23.51
C SER A 273 2.23 -17.25 24.08
N GLU A 274 1.85 -18.44 24.51
CA GLU A 274 2.81 -19.39 25.05
C GLU A 274 3.84 -19.83 23.99
N GLN A 275 3.41 -19.90 22.73
CA GLN A 275 4.35 -20.25 21.65
C GLN A 275 5.41 -19.17 21.47
N THR A 276 4.99 -17.90 21.46
CA THR A 276 5.98 -16.83 21.33
C THR A 276 6.94 -16.83 22.53
N LYS A 277 6.40 -17.00 23.72
CA LYS A 277 7.23 -17.08 24.92
C LYS A 277 8.24 -18.22 24.82
N SER A 278 7.76 -19.39 24.41
CA SER A 278 8.63 -20.56 24.29
C SER A 278 9.77 -20.32 23.30
N ASP A 279 9.44 -19.72 22.16
CA ASP A 279 10.43 -19.42 21.12
C ASP A 279 11.47 -18.42 21.61
N ILE A 280 11.03 -17.37 22.29
CA ILE A 280 11.96 -16.39 22.84
C ILE A 280 12.86 -17.03 23.88
N LYS A 281 12.29 -17.85 24.76
CA LYS A 281 13.07 -18.52 25.80
C LYS A 281 14.18 -19.38 25.18
N ASN A 282 13.84 -20.11 24.12
CA ASN A 282 14.81 -20.95 23.43
C ASN A 282 15.93 -20.14 22.82
N ILE A 283 15.57 -19.01 22.21
CA ILE A 283 16.53 -18.09 21.58
C ILE A 283 17.48 -17.49 22.60
N ILE A 284 16.93 -17.06 23.74
CA ILE A 284 17.72 -16.49 24.85
C ILE A 284 18.70 -17.52 25.39
N ASN A 285 18.24 -18.76 25.53
CA ASN A 285 19.12 -19.85 25.96
C ASN A 285 20.26 -20.12 24.99
N GLU A 286 19.96 -20.05 23.69
CA GLU A 286 20.96 -20.24 22.64
C GLU A 286 22.00 -19.12 22.64
N LEU A 287 21.56 -17.89 22.91
CA LEU A 287 22.45 -16.72 22.94
C LEU A 287 23.22 -16.58 24.26
N TYR A 288 22.56 -16.91 25.38
CA TYR A 288 23.11 -16.66 26.73
C TYR A 288 23.42 -17.93 27.56
N ARG A 289 24.09 -18.94 27.03
CA ARG A 289 24.71 -18.98 25.71
C ARG A 289 24.38 -20.30 25.02
N MET B 1 26.90 -18.28 -8.32
CA MET B 1 26.99 -18.70 -9.75
C MET B 1 27.01 -17.49 -10.68
N PHE B 2 26.09 -16.55 -10.43
CA PHE B 2 25.97 -15.32 -11.22
C PHE B 2 26.13 -14.16 -10.25
N ARG B 3 27.16 -13.35 -10.48
CA ARG B 3 27.56 -12.30 -9.55
CA ARG B 3 27.55 -12.30 -9.55
C ARG B 3 27.90 -10.98 -10.23
N GLY B 4 27.76 -9.89 -9.48
CA GLY B 4 28.19 -8.58 -9.95
C GLY B 4 27.18 -7.85 -10.80
N SER B 5 27.70 -7.05 -11.73
CA SER B 5 26.90 -6.16 -12.56
C SER B 5 26.36 -6.90 -13.79
N LEU B 6 25.09 -7.27 -13.75
CA LEU B 6 24.46 -8.04 -14.82
C LEU B 6 23.46 -7.10 -15.51
N ILE B 7 23.65 -6.84 -16.80
CA ILE B 7 22.91 -5.77 -17.44
C ILE B 7 21.56 -6.23 -17.96
N ALA B 8 20.49 -5.58 -17.48
CA ALA B 8 19.14 -5.79 -18.01
C ALA B 8 19.04 -5.06 -19.34
N MET B 9 19.44 -5.75 -20.41
CA MET B 9 19.68 -5.09 -21.70
C MET B 9 18.45 -4.47 -22.33
N ILE B 10 18.61 -3.25 -22.81
CA ILE B 10 17.64 -2.66 -23.73
C ILE B 10 17.65 -3.42 -25.08
N THR B 11 16.53 -3.37 -25.80
CA THR B 11 16.45 -3.92 -27.15
C THR B 11 16.33 -2.74 -28.14
N PRO B 12 17.34 -2.55 -29.01
CA PRO B 12 17.26 -1.44 -29.96
C PRO B 12 16.34 -1.74 -31.14
N PHE B 13 15.63 -0.72 -31.61
CA PHE B 13 14.74 -0.82 -32.76
C PHE B 13 15.15 0.14 -33.88
N ILE B 14 14.84 -0.23 -35.11
CA ILE B 14 15.04 0.66 -36.27
C ILE B 14 13.94 0.34 -37.29
N ASN B 15 13.28 1.37 -37.79
CA ASN B 15 12.19 1.21 -38.74
C ASN B 15 11.19 0.10 -38.35
N GLY B 16 10.81 0.10 -37.07
CA GLY B 16 9.82 -0.83 -36.55
C GLY B 16 10.29 -2.25 -36.23
N GLN B 17 11.57 -2.51 -36.46
CA GLN B 17 12.13 -3.86 -36.33
C GLN B 17 13.25 -3.88 -35.30
N VAL B 18 13.62 -5.08 -34.84
CA VAL B 18 14.83 -5.21 -34.02
C VAL B 18 16.04 -4.72 -34.82
N ASP B 19 16.82 -3.82 -34.22
CA ASP B 19 18.05 -3.33 -34.85
C ASP B 19 19.20 -4.27 -34.54
N GLU B 20 19.38 -5.28 -35.40
CA GLU B 20 20.36 -6.34 -35.15
C GLU B 20 21.80 -5.84 -35.10
N LYS B 21 22.15 -4.91 -36.00
CA LYS B 21 23.48 -4.30 -35.99
C LYS B 21 23.75 -3.54 -34.69
N ALA B 22 22.78 -2.74 -34.25
CA ALA B 22 22.93 -2.00 -32.99
C ALA B 22 23.02 -2.95 -31.81
N LEU B 23 22.24 -4.04 -31.85
CA LEU B 23 22.21 -5.00 -30.75
C LEU B 23 23.57 -5.70 -30.61
N ALA B 24 24.14 -6.15 -31.73
CA ALA B 24 25.47 -6.75 -31.70
C ALA B 24 26.51 -5.75 -31.18
N GLY B 25 26.44 -4.51 -31.66
CA GLY B 25 27.35 -3.45 -31.21
C GLY B 25 27.21 -3.17 -29.72
N LEU B 26 25.98 -3.25 -29.23
CA LEU B 26 25.69 -3.01 -27.82
C LEU B 26 26.32 -4.09 -26.93
N VAL B 27 26.18 -5.35 -27.33
CA VAL B 27 26.82 -6.46 -26.63
C VAL B 27 28.33 -6.24 -26.55
N ASP B 28 28.95 -5.94 -27.68
CA ASP B 28 30.41 -5.72 -27.68
C ASP B 28 30.81 -4.55 -26.81
N TRP B 29 30.05 -3.46 -26.87
CA TRP B 29 30.37 -2.24 -26.13
C TRP B 29 30.19 -2.47 -24.62
N GLN B 30 29.10 -3.12 -24.25
CA GLN B 30 28.84 -3.39 -22.83
C GLN B 30 29.88 -4.33 -22.22
N ILE B 31 30.27 -5.36 -22.95
CA ILE B 31 31.33 -6.26 -22.48
C ILE B 31 32.67 -5.52 -22.40
N LYS B 32 33.01 -4.77 -23.45
CA LYS B 32 34.24 -3.99 -23.44
C LYS B 32 34.32 -3.07 -22.22
N HIS B 33 33.18 -2.48 -21.85
CA HIS B 33 33.17 -1.50 -20.77
C HIS B 33 32.71 -2.03 -19.41
N GLY B 34 32.79 -3.34 -19.22
CA GLY B 34 32.77 -3.90 -17.86
C GLY B 34 31.55 -4.68 -17.41
N ALA B 35 30.66 -5.05 -18.33
CA ALA B 35 29.55 -5.92 -17.95
C ALA B 35 30.09 -7.20 -17.33
N HIS B 36 29.48 -7.66 -16.25
CA HIS B 36 29.82 -8.97 -15.70
C HIS B 36 28.91 -10.06 -16.25
N GLY B 37 27.83 -9.66 -16.90
CA GLY B 37 26.85 -10.58 -17.48
C GLY B 37 25.80 -9.76 -18.20
N LEU B 38 25.02 -10.46 -19.03
CA LEU B 38 24.00 -9.81 -19.86
C LEU B 38 22.67 -10.52 -19.69
N VAL B 39 21.60 -9.75 -19.56
CA VAL B 39 20.26 -10.28 -19.35
C VAL B 39 19.32 -9.71 -20.42
N PRO B 40 19.33 -10.31 -21.62
CA PRO B 40 18.47 -9.84 -22.70
C PRO B 40 17.01 -10.24 -22.49
N VAL B 41 16.13 -9.44 -23.07
CA VAL B 41 14.68 -9.71 -23.14
C VAL B 41 13.98 -9.93 -21.78
N GLY B 42 14.35 -9.09 -20.81
CA GLY B 42 13.48 -8.82 -19.65
C GLY B 42 12.56 -7.65 -19.99
N THR B 43 11.88 -7.04 -19.01
CA THR B 43 11.01 -5.90 -19.38
C THR B 43 11.81 -4.69 -19.82
N THR B 44 13.05 -4.55 -19.34
CA THR B 44 13.90 -3.45 -19.82
C THR B 44 14.18 -3.64 -21.30
N GLY B 45 14.17 -4.90 -21.75
CA GLY B 45 14.34 -5.25 -23.15
C GLY B 45 13.02 -5.32 -23.90
N GLU B 46 11.95 -4.83 -23.28
CA GLU B 46 10.61 -4.77 -23.89
C GLU B 46 10.03 -6.12 -24.28
N SER B 47 10.32 -7.13 -23.45
CA SER B 47 9.75 -8.46 -23.66
C SER B 47 8.23 -8.45 -23.92
N PRO B 48 7.45 -7.59 -23.21
CA PRO B 48 5.99 -7.63 -23.49
C PRO B 48 5.57 -7.26 -24.92
N THR B 49 6.37 -6.47 -25.62
CA THR B 49 5.98 -6.01 -26.97
C THR B 49 6.79 -6.63 -28.10
N LEU B 50 7.72 -7.53 -27.77
CA LEU B 50 8.38 -8.33 -28.80
C LEU B 50 7.47 -9.49 -29.19
N THR B 51 7.49 -9.87 -30.48
CA THR B 51 6.84 -11.11 -30.88
C THR B 51 7.65 -12.28 -30.31
N GLU B 52 7.05 -13.47 -30.28
CA GLU B 52 7.75 -14.66 -29.81
C GLU B 52 9.02 -14.90 -30.64
N GLU B 53 8.93 -14.67 -31.95
CA GLU B 53 10.07 -14.78 -32.87
C GLU B 53 11.18 -13.77 -32.55
N GLU B 54 10.79 -12.51 -32.29
CA GLU B 54 11.76 -11.48 -31.96
C GLU B 54 12.47 -11.77 -30.64
N HIS B 55 11.68 -12.20 -29.64
CA HIS B 55 12.21 -12.60 -28.33
C HIS B 55 13.35 -13.61 -28.50
N LYS B 56 13.06 -14.69 -29.22
CA LYS B 56 14.02 -15.76 -29.43
C LYS B 56 15.24 -15.29 -30.23
N ARG B 57 15.00 -14.49 -31.28
CA ARG B 57 16.07 -13.93 -32.09
C ARG B 57 17.01 -13.02 -31.29
N VAL B 58 16.46 -12.18 -30.41
CA VAL B 58 17.29 -11.30 -29.60
C VAL B 58 18.16 -12.13 -28.65
N VAL B 59 17.56 -13.13 -28.00
CA VAL B 59 18.32 -14.04 -27.14
C VAL B 59 19.44 -14.74 -27.92
N ALA B 60 19.10 -15.28 -29.09
CA ALA B 60 20.09 -15.97 -29.91
C ALA B 60 21.24 -15.05 -30.32
N LEU B 61 20.92 -13.82 -30.73
CA LEU B 61 21.94 -12.88 -31.19
C LEU B 61 22.87 -12.42 -30.06
N VAL B 62 22.31 -12.21 -28.87
CA VAL B 62 23.12 -11.82 -27.72
C VAL B 62 24.05 -12.95 -27.27
N ALA B 63 23.51 -14.18 -27.19
CA ALA B 63 24.33 -15.34 -26.84
C ALA B 63 25.47 -15.54 -27.83
N GLU B 64 25.15 -15.41 -29.13
CA GLU B 64 26.16 -15.54 -30.17
C GLU B 64 27.23 -14.45 -30.05
N GLN B 65 26.82 -13.19 -29.90
CA GLN B 65 27.77 -12.08 -29.87
C GLN B 65 28.63 -12.07 -28.60
N ALA B 66 28.05 -12.48 -27.47
CA ALA B 66 28.80 -12.56 -26.20
C ALA B 66 30.00 -13.51 -26.34
N GLN B 67 29.82 -14.57 -27.12
CA GLN B 67 30.90 -15.52 -27.40
C GLN B 67 31.52 -16.11 -26.12
N GLY B 68 30.68 -16.34 -25.12
CA GLY B 68 31.12 -16.96 -23.87
C GLY B 68 31.96 -16.09 -22.95
N ARG B 69 32.09 -14.81 -23.31
CA ARG B 69 32.96 -13.88 -22.54
C ARG B 69 32.36 -13.54 -21.17
N VAL B 70 31.04 -13.46 -21.11
CA VAL B 70 30.30 -13.23 -19.87
C VAL B 70 29.05 -14.12 -19.93
N PRO B 71 28.47 -14.46 -18.76
CA PRO B 71 27.22 -15.23 -18.80
C PRO B 71 26.07 -14.45 -19.42
N VAL B 72 25.20 -15.17 -20.13
CA VAL B 72 24.00 -14.62 -20.72
C VAL B 72 22.81 -15.29 -20.06
N ILE B 73 21.99 -14.49 -19.38
CA ILE B 73 20.82 -14.97 -18.64
C ILE B 73 19.62 -14.47 -19.43
N ALA B 74 18.94 -15.35 -20.15
CA ALA B 74 17.85 -14.92 -21.04
C ALA B 74 16.52 -14.77 -20.31
N GLY B 75 15.79 -13.69 -20.59
CA GLY B 75 14.44 -13.54 -20.07
C GLY B 75 13.57 -14.66 -20.60
N ALA B 76 12.86 -15.33 -19.71
CA ALA B 76 11.83 -16.31 -20.08
C ALA B 76 10.60 -16.07 -19.20
N GLY B 77 10.21 -14.81 -19.11
CA GLY B 77 9.03 -14.41 -18.36
C GLY B 77 7.72 -14.61 -19.10
N SER B 78 6.69 -14.97 -18.35
CA SER B 78 5.32 -15.00 -18.83
C SER B 78 4.42 -15.23 -17.64
N ASN B 79 3.16 -14.83 -17.75
CA ASN B 79 2.16 -15.26 -16.78
C ASN B 79 1.51 -16.60 -17.14
N ASN B 80 1.94 -17.17 -18.28
CA ASN B 80 1.52 -18.51 -18.69
C ASN B 80 2.73 -19.44 -18.71
N PRO B 81 2.80 -20.43 -17.80
CA PRO B 81 4.03 -21.25 -17.77
C PRO B 81 4.28 -22.04 -19.07
N VAL B 82 3.21 -22.31 -19.83
CA VAL B 82 3.39 -23.00 -21.13
C VAL B 82 4.26 -22.15 -22.08
N GLU B 83 4.00 -20.85 -22.08
CA GLU B 83 4.78 -19.90 -22.86
C GLU B 83 6.19 -19.76 -22.30
N ALA B 84 6.31 -19.63 -20.98
CA ALA B 84 7.62 -19.54 -20.35
C ALA B 84 8.51 -20.74 -20.69
N VAL B 85 7.91 -21.94 -20.72
CA VAL B 85 8.65 -23.15 -21.11
C VAL B 85 9.23 -22.99 -22.52
N ARG B 86 8.41 -22.49 -23.45
CA ARG B 86 8.88 -22.27 -24.83
C ARG B 86 10.06 -21.30 -24.88
N TYR B 87 9.99 -20.18 -24.16
CA TYR B 87 11.12 -19.24 -24.11
C TYR B 87 12.37 -19.85 -23.51
N ALA B 88 12.21 -20.60 -22.43
CA ALA B 88 13.34 -21.21 -21.72
C ALA B 88 14.02 -22.31 -22.54
N GLN B 89 13.21 -23.13 -23.21
CA GLN B 89 13.75 -24.17 -24.08
C GLN B 89 14.54 -23.59 -25.22
N HIS B 90 14.01 -22.54 -25.83
CA HIS B 90 14.74 -21.89 -26.90
C HIS B 90 16.05 -21.29 -26.38
N ALA B 91 15.98 -20.62 -25.24
CA ALA B 91 17.16 -20.03 -24.63
C ALA B 91 18.28 -21.05 -24.47
N GLN B 92 17.92 -22.25 -23.99
CA GLN B 92 18.90 -23.32 -23.83
C GLN B 92 19.49 -23.72 -25.18
N GLN B 93 18.63 -23.84 -26.18
CA GLN B 93 19.04 -24.23 -27.54
C GLN B 93 19.93 -23.18 -28.18
N ALA B 94 19.65 -21.91 -27.89
CA ALA B 94 20.41 -20.78 -28.41
C ALA B 94 21.73 -20.50 -27.66
N GLY B 95 22.00 -21.28 -26.62
CA GLY B 95 23.25 -21.19 -25.89
C GLY B 95 23.27 -20.22 -24.72
N ALA B 96 22.10 -19.84 -24.23
CA ALA B 96 22.04 -19.05 -22.99
C ALA B 96 22.55 -19.88 -21.82
N ASP B 97 23.11 -19.22 -20.82
CA ASP B 97 23.67 -19.89 -19.67
C ASP B 97 22.65 -20.15 -18.56
N ALA B 98 21.56 -19.37 -18.57
CA ALA B 98 20.51 -19.48 -17.58
C ALA B 98 19.32 -18.71 -18.10
N VAL B 99 18.20 -18.80 -17.38
CA VAL B 99 17.04 -17.96 -17.68
C VAL B 99 16.58 -17.18 -16.44
N LEU B 100 15.95 -16.04 -16.68
CA LEU B 100 15.31 -15.21 -15.66
C LEU B 100 13.79 -15.33 -15.83
N CYS B 101 13.08 -15.74 -14.77
CA CYS B 101 11.66 -16.07 -14.88
C CYS B 101 10.77 -15.35 -13.88
N VAL B 102 9.96 -14.42 -14.38
CA VAL B 102 8.84 -13.85 -13.59
C VAL B 102 7.62 -14.73 -13.84
N ALA B 103 6.66 -14.71 -12.92
CA ALA B 103 5.42 -15.48 -13.07
C ALA B 103 4.27 -14.68 -12.47
N GLY B 104 3.05 -14.96 -12.92
CA GLY B 104 1.87 -14.58 -12.17
C GLY B 104 1.38 -13.14 -12.25
N TYR B 105 1.99 -12.32 -13.10
CA TYR B 105 1.45 -10.97 -13.26
C TYR B 105 0.06 -11.05 -13.90
N TYR B 106 -0.83 -10.19 -13.41
CA TYR B 106 -2.17 -10.01 -13.93
C TYR B 106 -3.14 -11.14 -13.55
N ASN B 107 -2.79 -12.39 -13.84
CA ASN B 107 -3.63 -13.50 -13.35
C ASN B 107 -3.54 -13.77 -11.82
N ARG B 108 -2.47 -13.30 -11.19
CA ARG B 108 -2.38 -13.17 -9.74
C ARG B 108 -2.68 -14.50 -9.00
N PRO B 109 -1.87 -15.54 -9.28
CA PRO B 109 -2.09 -16.86 -8.65
C PRO B 109 -1.65 -16.93 -7.19
N SER B 110 -2.00 -18.05 -6.57
CA SER B 110 -1.55 -18.37 -5.22
C SER B 110 -0.07 -18.77 -5.19
N GLN B 111 0.46 -18.94 -3.98
CA GLN B 111 1.84 -19.41 -3.82
C GLN B 111 2.05 -20.77 -4.48
N GLU B 112 1.08 -21.67 -4.30
CA GLU B 112 1.15 -22.99 -4.94
C GLU B 112 1.19 -22.85 -6.47
N GLY B 113 0.40 -21.93 -7.03
CA GLY B 113 0.42 -21.68 -8.47
C GLY B 113 1.76 -21.17 -8.95
N LEU B 114 2.35 -20.24 -8.21
CA LEU B 114 3.71 -19.77 -8.53
C LEU B 114 4.72 -20.90 -8.52
N TYR B 115 4.65 -21.73 -7.48
CA TYR B 115 5.55 -22.87 -7.35
C TYR B 115 5.41 -23.79 -8.56
N GLN B 116 4.18 -24.11 -8.93
CA GLN B 116 3.97 -25.05 -10.04
C GLN B 116 4.42 -24.46 -11.38
N HIS B 117 4.25 -23.15 -11.54
CA HIS B 117 4.75 -22.47 -12.74
C HIS B 117 6.26 -22.67 -12.85
N PHE B 118 6.97 -22.32 -11.79
CA PHE B 118 8.43 -22.43 -11.81
C PHE B 118 8.90 -23.87 -11.94
N LYS B 119 8.20 -24.82 -11.30
CA LYS B 119 8.58 -26.23 -11.40
C LYS B 119 8.44 -26.71 -12.84
N MET B 120 7.40 -26.24 -13.52
CA MET B 120 7.19 -26.61 -14.93
C MET B 120 8.37 -26.17 -15.79
N VAL B 121 8.78 -24.92 -15.62
CA VAL B 121 9.91 -24.40 -16.38
C VAL B 121 11.17 -25.18 -16.02
N HIS B 122 11.40 -25.36 -14.72
CA HIS B 122 12.57 -26.09 -14.21
C HIS B 122 12.67 -27.48 -14.85
N ASP B 123 11.57 -28.22 -14.86
CA ASP B 123 11.58 -29.61 -15.31
C ASP B 123 11.70 -29.74 -16.84
N ALA B 124 11.47 -28.64 -17.55
CA ALA B 124 11.49 -28.63 -19.01
C ALA B 124 12.87 -28.31 -19.62
N ILE B 125 13.81 -27.86 -18.80
CA ILE B 125 15.12 -27.41 -19.29
C ILE B 125 16.26 -27.99 -18.46
N ASP B 126 17.50 -27.77 -18.91
CA ASP B 126 18.68 -28.30 -18.25
C ASP B 126 19.61 -27.21 -17.72
N ILE B 127 19.26 -25.96 -18.00
CA ILE B 127 20.02 -24.81 -17.52
C ILE B 127 19.37 -24.21 -16.25
N PRO B 128 20.14 -23.45 -15.46
CA PRO B 128 19.63 -22.83 -14.23
C PRO B 128 18.61 -21.72 -14.44
N ILE B 129 17.82 -21.50 -13.39
CA ILE B 129 16.81 -20.46 -13.36
C ILE B 129 17.04 -19.50 -12.20
N ILE B 130 16.94 -18.21 -12.51
CA ILE B 130 16.83 -17.14 -11.51
CA ILE B 130 16.82 -17.16 -11.51
C ILE B 130 15.35 -16.74 -11.50
N VAL B 131 14.69 -16.86 -10.34
CA VAL B 131 13.29 -16.47 -10.26
C VAL B 131 13.23 -14.98 -10.01
N TYR B 132 12.19 -14.34 -10.50
CA TYR B 132 12.12 -12.89 -10.52
C TYR B 132 10.95 -12.46 -9.66
N ASN B 133 11.26 -11.85 -8.52
CA ASN B 133 10.22 -11.43 -7.58
C ASN B 133 10.05 -9.94 -7.69
N ILE B 134 8.92 -9.51 -8.26
CA ILE B 134 8.69 -8.09 -8.50
C ILE B 134 7.22 -7.67 -8.26
N PRO B 135 6.78 -7.71 -7.00
CA PRO B 135 5.43 -7.24 -6.67
C PRO B 135 5.07 -5.84 -7.23
N PRO B 136 6.02 -4.88 -7.24
CA PRO B 136 5.67 -3.57 -7.81
C PRO B 136 5.21 -3.55 -9.28
N ARG B 137 5.53 -4.60 -10.04
CA ARG B 137 4.97 -4.76 -11.39
C ARG B 137 3.94 -5.89 -11.49
N ALA B 138 4.14 -6.96 -10.74
CA ALA B 138 3.35 -8.18 -10.93
C ALA B 138 2.23 -8.36 -9.88
N VAL B 139 2.26 -7.55 -8.83
CA VAL B 139 1.37 -7.64 -7.65
C VAL B 139 1.69 -8.87 -6.79
N VAL B 140 1.69 -10.05 -7.41
CA VAL B 140 2.04 -11.28 -6.73
CA VAL B 140 2.05 -11.28 -6.71
C VAL B 140 3.45 -11.19 -6.14
N ASP B 141 3.65 -11.87 -5.02
CA ASP B 141 4.91 -11.83 -4.28
C ASP B 141 5.27 -13.28 -3.96
N ILE B 142 6.42 -13.74 -4.42
CA ILE B 142 6.93 -15.05 -4.01
C ILE B 142 7.41 -14.92 -2.56
N LYS B 143 6.65 -15.50 -1.64
CA LYS B 143 6.94 -15.35 -0.21
C LYS B 143 8.15 -16.20 0.18
N PRO B 144 8.83 -15.86 1.29
CA PRO B 144 10.05 -16.58 1.68
C PRO B 144 9.91 -18.10 1.77
N GLU B 145 8.79 -18.57 2.30
CA GLU B 145 8.55 -20.02 2.40
C GLU B 145 8.45 -20.67 1.02
N THR B 146 7.87 -19.94 0.07
CA THR B 146 7.81 -20.40 -1.31
C THR B 146 9.19 -20.38 -1.96
N MET B 147 9.94 -19.31 -1.70
CA MET B 147 11.33 -19.22 -2.18
C MET B 147 12.15 -20.42 -1.68
N ALA B 148 11.96 -20.79 -0.41
CA ALA B 148 12.67 -21.94 0.15
C ALA B 148 12.25 -23.25 -0.52
N ARG B 149 10.97 -23.38 -0.84
CA ARG B 149 10.50 -24.56 -1.55
C ARG B 149 11.11 -24.62 -2.94
N LEU B 150 11.18 -23.48 -3.61
CA LEU B 150 11.83 -23.38 -4.92
C LEU B 150 13.31 -23.75 -4.85
N ALA B 151 13.99 -23.26 -3.79
CA ALA B 151 15.42 -23.52 -3.61
C ALA B 151 15.72 -25.01 -3.41
N ALA B 152 14.72 -25.80 -3.04
CA ALA B 152 14.91 -27.24 -2.90
C ALA B 152 15.10 -27.92 -4.25
N LEU B 153 14.67 -27.26 -5.32
CA LEU B 153 14.87 -27.76 -6.68
C LEU B 153 16.32 -27.53 -7.13
N PRO B 154 16.93 -28.53 -7.80
CA PRO B 154 18.37 -28.43 -8.07
C PRO B 154 18.82 -27.28 -8.97
N ARG B 155 17.95 -26.82 -9.86
CA ARG B 155 18.36 -25.78 -10.81
CA ARG B 155 18.34 -25.78 -10.83
C ARG B 155 17.64 -24.44 -10.64
N ILE B 156 16.94 -24.26 -9.52
CA ILE B 156 16.52 -22.90 -9.13
C ILE B 156 17.71 -22.38 -8.32
N VAL B 157 18.44 -21.42 -8.88
CA VAL B 157 19.74 -21.05 -8.29
C VAL B 157 19.84 -19.65 -7.70
N GLY B 158 18.80 -18.84 -7.87
CA GLY B 158 18.85 -17.50 -7.32
C GLY B 158 17.56 -16.76 -7.54
N VAL B 159 17.58 -15.49 -7.14
CA VAL B 159 16.42 -14.61 -7.23
C VAL B 159 16.87 -13.21 -7.66
N LYS B 160 16.09 -12.59 -8.55
CA LYS B 160 16.19 -11.16 -8.79
C LYS B 160 15.11 -10.53 -7.91
N ASP B 161 15.57 -9.89 -6.83
CA ASP B 161 14.65 -9.35 -5.83
C ASP B 161 14.37 -7.89 -6.11
N ALA B 162 13.21 -7.63 -6.71
CA ALA B 162 12.78 -6.26 -6.99
C ALA B 162 11.63 -5.84 -6.06
N THR B 163 11.58 -6.42 -4.86
CA THR B 163 10.55 -6.04 -3.90
C THR B 163 10.76 -4.64 -3.35
N THR B 164 12.01 -4.21 -3.33
CA THR B 164 12.50 -3.01 -2.60
C THR B 164 12.33 -3.11 -1.07
N ASP B 165 12.01 -4.31 -0.58
CA ASP B 165 11.91 -4.54 0.85
C ASP B 165 13.24 -5.17 1.26
N LEU B 166 14.11 -4.38 1.88
CA LEU B 166 15.45 -4.87 2.18
C LEU B 166 15.48 -5.88 3.33
N ALA B 167 14.35 -6.06 4.02
CA ALA B 167 14.26 -7.12 5.01
C ALA B 167 14.05 -8.48 4.35
N ARG B 168 13.61 -8.47 3.08
CA ARG B 168 13.22 -9.72 2.41
C ARG B 168 14.39 -10.67 2.29
N ILE B 169 15.55 -10.16 1.89
CA ILE B 169 16.72 -11.04 1.72
C ILE B 169 17.06 -11.75 3.04
N SER B 170 16.91 -11.04 4.16
CA SER B 170 17.16 -11.65 5.48
C SER B 170 16.17 -12.78 5.75
N ARG B 171 14.89 -12.56 5.44
CA ARG B 171 13.88 -13.60 5.66
C ARG B 171 14.12 -14.83 4.79
N GLU B 172 14.58 -14.60 3.55
CA GLU B 172 14.92 -15.70 2.64
C GLU B 172 16.15 -16.45 3.10
N ARG B 173 17.18 -15.71 3.51
CA ARG B 173 18.42 -16.32 3.98
C ARG B 173 18.22 -17.18 5.24
N MET B 174 17.22 -16.83 6.07
CA MET B 174 16.88 -17.61 7.26
CA MET B 174 16.90 -17.61 7.26
C MET B 174 16.31 -18.98 6.92
N LEU B 175 15.75 -19.11 5.71
CA LEU B 175 15.02 -20.32 5.30
C LEU B 175 15.70 -21.16 4.23
N ILE B 176 16.66 -20.58 3.53
CA ILE B 176 17.33 -21.25 2.42
C ILE B 176 18.67 -21.77 2.91
N ASN B 177 18.87 -23.09 2.76
CA ASN B 177 20.05 -23.74 3.34
C ASN B 177 21.05 -24.25 2.29
N LYS B 178 21.01 -23.65 1.10
CA LYS B 178 22.02 -23.87 0.07
C LYS B 178 22.52 -22.52 -0.42
N PRO B 179 23.74 -22.47 -0.99
CA PRO B 179 24.18 -21.24 -1.65
C PRO B 179 23.21 -20.79 -2.73
N PHE B 180 22.93 -19.49 -2.78
CA PHE B 180 21.87 -18.95 -3.63
C PHE B 180 22.33 -17.62 -4.17
N SER B 181 22.08 -17.37 -5.46
CA SER B 181 22.49 -16.13 -6.09
C SER B 181 21.43 -15.07 -5.84
N PHE B 182 21.56 -14.39 -4.71
CA PHE B 182 20.71 -13.26 -4.37
C PHE B 182 21.14 -12.05 -5.20
N LEU B 183 20.25 -11.57 -6.07
CA LEU B 183 20.57 -10.44 -6.95
C LEU B 183 19.55 -9.33 -6.77
N SER B 184 20.03 -8.10 -6.64
CA SER B 184 19.14 -6.95 -6.56
C SER B 184 18.44 -6.72 -7.88
N GLY B 185 17.16 -6.37 -7.78
CA GLY B 185 16.40 -5.86 -8.92
C GLY B 185 16.07 -4.39 -8.79
N ASP B 186 16.89 -3.64 -8.04
CA ASP B 186 16.64 -2.23 -7.79
C ASP B 186 17.95 -1.48 -7.68
N ASP B 187 18.28 -0.72 -8.72
CA ASP B 187 19.55 0.02 -8.74
C ASP B 187 19.77 0.93 -7.53
N MET B 188 18.70 1.60 -7.10
CA MET B 188 18.84 2.56 -5.99
C MET B 188 19.20 1.92 -4.65
N THR B 189 18.93 0.61 -4.49
CA THR B 189 19.26 -0.07 -3.22
C THR B 189 20.25 -1.21 -3.42
N ALA B 190 20.97 -1.19 -4.54
CA ALA B 190 21.92 -2.27 -4.85
C ALA B 190 23.00 -2.41 -3.77
N ILE B 191 23.47 -1.31 -3.21
CA ILE B 191 24.50 -1.37 -2.17
C ILE B 191 23.95 -1.97 -0.88
N ALA B 192 22.77 -1.49 -0.48
CA ALA B 192 22.08 -2.02 0.69
C ALA B 192 21.87 -3.53 0.54
N TYR B 193 21.48 -3.97 -0.65
CA TYR B 193 21.19 -5.37 -0.91
C TYR B 193 22.45 -6.24 -0.77
N ASN B 194 23.56 -5.82 -1.37
CA ASN B 194 24.79 -6.61 -1.26
C ASN B 194 25.37 -6.62 0.17
N ALA B 195 25.20 -5.51 0.91
CA ALA B 195 25.65 -5.50 2.31
C ALA B 195 24.86 -6.51 3.15
N SER B 196 23.65 -6.85 2.67
CA SER B 196 22.73 -7.73 3.38
C SER B 196 22.83 -9.17 2.91
N GLY B 197 23.82 -9.48 2.06
CA GLY B 197 24.03 -10.85 1.60
C GLY B 197 23.87 -11.01 0.10
N GLY B 198 23.51 -9.94 -0.59
CA GLY B 198 23.38 -9.98 -2.05
C GLY B 198 24.72 -10.15 -2.73
N GLN B 199 24.68 -10.66 -3.98
CA GLN B 199 25.95 -10.86 -4.68
CA GLN B 199 25.84 -11.04 -4.76
C GLN B 199 25.96 -10.26 -6.07
N GLY B 200 25.07 -9.30 -6.30
CA GLY B 200 25.05 -8.58 -7.58
C GLY B 200 23.72 -7.89 -7.81
N CYS B 201 23.55 -7.36 -9.02
CA CYS B 201 22.33 -6.64 -9.38
C CYS B 201 22.08 -6.84 -10.87
N ILE B 202 20.84 -7.16 -11.22
CA ILE B 202 20.40 -7.14 -12.61
C ILE B 202 19.88 -5.72 -12.81
N SER B 203 20.71 -4.93 -13.51
CA SER B 203 20.67 -3.48 -13.47
C SER B 203 20.22 -2.84 -14.77
N VAL B 204 19.40 -1.79 -14.65
CA VAL B 204 19.05 -0.96 -15.80
C VAL B 204 20.13 0.08 -16.11
N SER B 205 20.61 0.77 -15.07
CA SER B 205 21.58 1.85 -15.25
CA SER B 205 21.58 1.86 -15.26
C SER B 205 22.90 1.36 -15.81
N ALA B 206 23.21 0.08 -15.56
CA ALA B 206 24.45 -0.51 -16.11
C ALA B 206 24.45 -0.54 -17.64
N ASN B 207 23.27 -0.41 -18.28
CA ASN B 207 23.23 -0.25 -19.75
C ASN B 207 24.07 0.95 -20.20
N ILE B 208 24.05 1.99 -19.36
CA ILE B 208 24.52 3.34 -19.73
C ILE B 208 25.90 3.65 -19.11
N ALA B 209 26.11 3.19 -17.89
CA ALA B 209 27.38 3.41 -17.17
C ALA B 209 27.95 2.06 -16.74
N PRO B 210 28.20 1.15 -17.71
CA PRO B 210 28.67 -0.18 -17.31
C PRO B 210 30.00 -0.16 -16.55
N ALA B 211 30.89 0.77 -16.86
CA ALA B 211 32.22 0.75 -16.22
C ALA B 211 32.11 1.13 -14.75
N LEU B 212 31.43 2.22 -14.46
CA LEU B 212 31.21 2.64 -13.08
C LEU B 212 30.39 1.63 -12.30
N TYR B 213 29.33 1.12 -12.93
CA TYR B 213 28.46 0.19 -12.23
C TYR B 213 29.22 -1.10 -11.89
N GLY B 214 30.04 -1.58 -12.83
CA GLY B 214 30.89 -2.74 -12.58
C GLY B 214 31.86 -2.51 -11.43
N GLN B 215 32.49 -1.33 -11.42
CA GLN B 215 33.40 -0.98 -10.33
C GLN B 215 32.68 -0.97 -8.98
N MET B 216 31.46 -0.43 -8.98
CA MET B 216 30.67 -0.35 -7.75
C MET B 216 30.34 -1.75 -7.25
N GLN B 217 29.87 -2.61 -8.15
CA GLN B 217 29.53 -3.98 -7.76
C GLN B 217 30.76 -4.72 -7.24
N THR B 218 31.87 -4.64 -7.97
CA THR B 218 33.10 -5.29 -7.53
C THR B 218 33.54 -4.79 -6.15
N ALA B 219 33.39 -3.48 -5.90
CA ALA B 219 33.73 -2.94 -4.58
C ALA B 219 32.89 -3.60 -3.48
N THR B 220 31.58 -3.73 -3.69
CA THR B 220 30.75 -4.40 -2.68
C THR B 220 31.19 -5.85 -2.45
N LEU B 221 31.54 -6.53 -3.54
CA LEU B 221 31.92 -7.95 -3.46
C LEU B 221 33.25 -8.15 -2.78
N GLN B 222 34.10 -7.12 -2.82
CA GLN B 222 35.42 -7.14 -2.17
C GLN B 222 35.36 -6.54 -0.76
N GLY B 223 34.16 -6.16 -0.34
CA GLY B 223 33.90 -5.70 1.03
C GLY B 223 34.22 -4.21 1.24
N ASP B 224 34.48 -3.50 0.15
CA ASP B 224 34.84 -2.08 0.19
C ASP B 224 33.61 -1.21 -0.01
N PHE B 225 32.81 -1.07 1.04
CA PHE B 225 31.57 -0.32 0.95
C PHE B 225 31.75 1.20 0.91
N ARG B 226 32.89 1.69 1.38
CA ARG B 226 33.20 3.12 1.24
C ARG B 226 33.32 3.45 -0.25
N GLU B 227 34.12 2.66 -0.97
CA GLU B 227 34.29 2.90 -2.39
C GLU B 227 32.97 2.70 -3.14
N ALA B 228 32.22 1.67 -2.78
CA ALA B 228 30.95 1.40 -3.45
C ALA B 228 30.00 2.58 -3.31
N LEU B 229 29.88 3.11 -2.10
CA LEU B 229 28.94 4.22 -1.87
C LEU B 229 29.38 5.49 -2.59
N ARG B 230 30.69 5.70 -2.68
CA ARG B 230 31.23 6.82 -3.45
C ARG B 230 30.72 6.77 -4.89
N ILE B 231 30.80 5.60 -5.50
CA ILE B 231 30.33 5.45 -6.88
C ILE B 231 28.79 5.55 -6.97
N HIS B 232 28.09 4.92 -6.02
CA HIS B 232 26.63 5.04 -5.95
C HIS B 232 26.20 6.50 -5.94
N ASP B 233 26.87 7.31 -5.14
CA ASP B 233 26.53 8.73 -5.04
C ASP B 233 26.75 9.46 -6.37
N LEU B 234 27.80 9.06 -7.11
CA LEU B 234 28.05 9.62 -8.44
C LEU B 234 26.91 9.28 -9.41
N LEU B 235 26.36 8.08 -9.24
CA LEU B 235 25.34 7.57 -10.16
C LEU B 235 23.91 7.93 -9.79
N ALA B 236 23.70 8.52 -8.61
CA ALA B 236 22.33 8.74 -8.12
C ALA B 236 21.51 9.66 -9.03
N PRO B 237 22.08 10.80 -9.47
CA PRO B 237 21.34 11.63 -10.43
C PRO B 237 20.96 10.88 -11.72
N LEU B 238 21.88 10.06 -12.24
CA LEU B 238 21.56 9.24 -13.40
C LEU B 238 20.40 8.29 -13.11
N HIS B 239 20.47 7.56 -11.98
CA HIS B 239 19.37 6.67 -11.58
C HIS B 239 18.04 7.44 -11.61
N GLU B 240 17.97 8.57 -10.92
CA GLU B 240 16.71 9.31 -10.86
C GLU B 240 16.18 9.65 -12.25
N ALA B 241 17.07 10.14 -13.12
CA ALA B 241 16.67 10.58 -14.45
C ALA B 241 16.24 9.42 -15.34
N LEU B 242 16.90 8.26 -15.19
CA LEU B 242 16.57 7.07 -15.99
C LEU B 242 15.23 6.46 -15.60
N PHE B 243 14.74 6.77 -14.39
CA PHE B 243 13.50 6.17 -13.90
CA PHE B 243 13.52 6.15 -13.88
C PHE B 243 12.37 7.15 -13.69
N ARG B 244 12.61 8.42 -14.01
CA ARG B 244 11.61 9.46 -13.79
C ARG B 244 10.31 9.17 -14.55
N GLU B 245 10.45 8.86 -15.84
CA GLU B 245 9.34 8.40 -16.68
C GLU B 245 9.45 6.88 -16.81
N PRO B 246 8.35 6.18 -17.16
CA PRO B 246 8.42 4.72 -17.20
C PRO B 246 9.54 4.12 -18.07
N SER B 247 10.43 3.37 -17.41
CA SER B 247 11.53 2.67 -18.06
C SER B 247 10.96 1.62 -19.03
N PRO B 248 11.66 1.33 -20.15
CA PRO B 248 12.99 1.79 -20.54
C PRO B 248 13.10 3.05 -21.40
N ALA B 249 12.10 3.94 -21.35
CA ALA B 249 12.20 5.17 -22.15
C ALA B 249 13.52 5.90 -21.88
N GLY B 250 13.86 6.02 -20.60
CA GLY B 250 15.08 6.72 -20.18
C GLY B 250 16.36 6.07 -20.66
N ALA B 251 16.48 4.76 -20.42
CA ALA B 251 17.69 4.05 -20.82
C ALA B 251 17.87 4.07 -22.33
N LYS B 252 16.76 3.93 -23.06
CA LYS B 252 16.84 3.93 -24.53
C LYS B 252 17.31 5.28 -25.04
N TYR B 253 16.78 6.36 -24.47
CA TYR B 253 17.21 7.70 -24.87
C TYR B 253 18.68 7.92 -24.52
N ALA B 254 19.06 7.55 -23.28
CA ALA B 254 20.46 7.68 -22.86
C ALA B 254 21.42 6.92 -23.80
N ALA B 255 21.07 5.69 -24.18
CA ALA B 255 21.90 4.91 -25.10
C ALA B 255 22.01 5.59 -26.45
N SER B 256 20.93 6.25 -26.88
CA SER B 256 20.96 6.99 -28.15
C SER B 256 21.97 8.15 -28.10
N LEU B 257 22.06 8.81 -26.94
CA LEU B 257 23.03 9.89 -26.75
C LEU B 257 24.47 9.39 -26.86
N LEU B 258 24.69 8.14 -26.45
CA LEU B 258 25.99 7.49 -26.56
C LEU B 258 26.28 6.92 -27.95
N GLY B 259 25.32 7.08 -28.87
CA GLY B 259 25.47 6.61 -30.25
C GLY B 259 25.29 5.12 -30.42
N LEU B 260 24.66 4.47 -29.45
CA LEU B 260 24.53 3.00 -29.45
C LEU B 260 23.31 2.47 -30.20
N CYS B 261 22.26 3.29 -30.28
CA CYS B 261 20.99 2.87 -30.87
C CYS B 261 20.05 4.05 -31.02
N ASN B 262 18.91 3.80 -31.66
CA ASN B 262 17.84 4.78 -31.73
C ASN B 262 17.09 4.89 -30.39
N GLU B 263 16.49 6.05 -30.14
CA GLU B 263 15.81 6.32 -28.87
CA GLU B 263 15.81 6.31 -28.87
C GLU B 263 14.45 5.62 -28.75
N GLU B 264 13.91 5.16 -29.87
CA GLU B 264 12.55 4.63 -29.93
C GLU B 264 12.27 3.39 -29.08
N CYS B 265 11.11 3.42 -28.43
CA CYS B 265 10.53 2.27 -27.77
C CYS B 265 9.14 2.02 -28.34
N ARG B 266 8.60 0.82 -28.06
CA ARG B 266 7.27 0.45 -28.53
C ARG B 266 6.20 0.82 -27.52
N LEU B 267 5.05 1.30 -28.02
CA LEU B 267 3.91 1.55 -27.12
C LEU B 267 3.64 0.30 -26.28
N PRO B 268 3.27 0.49 -25.00
CA PRO B 268 2.88 1.73 -24.32
C PRO B 268 4.02 2.58 -23.72
N ILE B 269 5.27 2.20 -23.99
CA ILE B 269 6.40 3.08 -23.65
C ILE B 269 6.35 4.25 -24.63
N VAL B 270 6.49 5.47 -24.12
CA VAL B 270 6.31 6.68 -24.93
C VAL B 270 7.56 7.56 -24.88
N PRO B 271 7.72 8.46 -25.86
CA PRO B 271 8.87 9.35 -25.85
C PRO B 271 8.96 10.18 -24.57
N LEU B 272 10.19 10.49 -24.17
CA LEU B 272 10.44 11.32 -23.01
C LEU B 272 10.02 12.78 -23.23
N SER B 273 9.75 13.47 -22.13
CA SER B 273 9.54 14.93 -22.20
C SER B 273 10.88 15.60 -22.51
N GLU B 274 10.82 16.82 -23.03
CA GLU B 274 12.05 17.55 -23.32
C GLU B 274 12.86 17.82 -22.04
N GLN B 275 12.17 18.05 -20.92
CA GLN B 275 12.84 18.23 -19.64
C GLN B 275 13.64 16.99 -19.22
N THR B 276 13.01 15.81 -19.31
CA THR B 276 13.72 14.58 -18.95
C THR B 276 14.92 14.33 -19.88
N LYS B 277 14.74 14.53 -21.18
CA LYS B 277 15.83 14.40 -22.13
C LYS B 277 17.01 15.31 -21.77
N SER B 278 16.69 16.59 -21.50
CA SER B 278 17.71 17.57 -21.10
C SER B 278 18.49 17.15 -19.86
N ASP B 279 17.77 16.72 -18.83
CA ASP B 279 18.38 16.25 -17.59
C ASP B 279 19.29 15.04 -17.81
N ILE B 280 18.82 14.07 -18.59
CA ILE B 280 19.67 12.91 -18.92
C ILE B 280 20.94 13.35 -19.65
N LYS B 281 20.79 14.21 -20.65
CA LYS B 281 21.92 14.69 -21.44
C LYS B 281 22.97 15.39 -20.58
N ASN B 282 22.50 16.27 -19.70
CA ASN B 282 23.40 17.02 -18.84
C ASN B 282 24.13 16.12 -17.85
N ILE B 283 23.43 15.14 -17.30
CA ILE B 283 24.04 14.16 -16.40
C ILE B 283 25.12 13.31 -17.11
N ILE B 284 24.80 12.81 -18.30
CA ILE B 284 25.76 12.03 -19.07
C ILE B 284 26.98 12.87 -19.44
N ASN B 285 26.75 14.10 -19.89
CA ASN B 285 27.85 15.00 -20.22
C ASN B 285 28.76 15.24 -19.01
N GLU B 286 28.14 15.35 -17.82
CA GLU B 286 28.91 15.60 -16.60
C GLU B 286 29.75 14.38 -16.18
N LEU B 287 29.18 13.19 -16.29
CA LEU B 287 29.92 11.97 -16.02
C LEU B 287 31.11 11.83 -16.97
N TYR B 288 30.92 12.19 -18.24
CA TYR B 288 32.02 12.15 -19.20
C TYR B 288 33.08 13.21 -18.95
N ARG B 289 32.64 14.41 -18.57
CA ARG B 289 33.57 15.47 -18.16
C ARG B 289 34.49 15.00 -17.03
N LEU B 290 33.88 14.38 -16.02
CA LEU B 290 34.59 13.90 -14.84
C LEU B 290 35.57 12.78 -15.19
N GLU B 291 35.14 11.85 -16.04
CA GLU B 291 35.98 10.74 -16.47
C GLU B 291 37.19 11.25 -17.25
N HIS B 292 36.97 12.19 -18.16
CA HIS B 292 38.07 12.75 -18.97
C HIS B 292 39.05 13.54 -18.11
N HIS B 293 38.53 14.23 -17.09
CA HIS B 293 39.39 15.01 -16.18
C HIS B 293 40.28 14.11 -15.32
N HIS B 294 39.74 12.97 -14.89
CA HIS B 294 40.43 12.09 -13.95
C HIS B 294 41.31 11.01 -14.57
N HIS B 295 41.08 10.72 -15.85
CA HIS B 295 41.80 9.65 -16.55
C HIS B 295 43.24 10.04 -16.84
N HIS B 296 44.15 9.09 -16.66
CA HIS B 296 45.55 9.26 -17.07
C HIS B 296 46.23 7.91 -17.29
N HIS B 297 47.11 7.86 -18.29
CA HIS B 297 47.94 6.67 -18.55
C HIS B 297 49.34 7.08 -18.96
N MET C 1 -26.11 -0.60 -25.50
CA MET C 1 -26.23 -0.74 -24.03
C MET C 1 -25.18 0.19 -23.35
N PHE C 2 -24.32 -0.29 -22.44
CA PHE C 2 -24.22 -1.66 -21.91
C PHE C 2 -24.57 -1.62 -20.42
N ARG C 3 -25.56 -2.43 -20.02
CA ARG C 3 -26.22 -2.27 -18.71
C ARG C 3 -26.55 -3.60 -18.05
N GLY C 4 -26.60 -3.60 -16.73
CA GLY C 4 -27.07 -4.75 -15.95
C GLY C 4 -26.04 -5.83 -15.72
N SER C 5 -26.52 -7.07 -15.70
CA SER C 5 -25.70 -8.23 -15.34
C SER C 5 -24.99 -8.77 -16.57
N LEU C 6 -23.71 -8.46 -16.70
CA LEU C 6 -22.89 -8.87 -17.84
C LEU C 6 -21.88 -9.90 -17.34
N ILE C 7 -21.99 -11.12 -17.85
CA ILE C 7 -21.25 -12.23 -17.24
C ILE C 7 -19.80 -12.30 -17.73
N ALA C 8 -18.84 -12.21 -16.79
CA ALA C 8 -17.43 -12.42 -17.08
C ALA C 8 -17.22 -13.93 -17.21
N MET C 9 -17.44 -14.44 -18.42
CA MET C 9 -17.55 -15.88 -18.62
C MET C 9 -16.30 -16.68 -18.30
N ILE C 10 -16.48 -17.78 -17.59
CA ILE C 10 -15.46 -18.81 -17.52
C ILE C 10 -15.26 -19.48 -18.90
N THR C 11 -14.05 -20.00 -19.12
CA THR C 11 -13.75 -20.81 -20.32
C THR C 11 -13.58 -22.26 -19.88
N PRO C 12 -14.50 -23.14 -20.31
CA PRO C 12 -14.39 -24.56 -19.93
C PRO C 12 -13.29 -25.28 -20.69
N PHE C 13 -12.62 -26.21 -20.02
CA PHE C 13 -11.57 -27.02 -20.64
C PHE C 13 -11.90 -28.50 -20.57
N ILE C 14 -11.34 -29.25 -21.51
CA ILE C 14 -11.46 -30.71 -21.51
C ILE C 14 -10.16 -31.28 -22.08
N ASN C 15 -9.54 -32.17 -21.30
CA ASN C 15 -8.27 -32.82 -21.71
C ASN C 15 -7.28 -31.84 -22.35
N GLY C 16 -7.10 -30.70 -21.70
CA GLY C 16 -6.09 -29.74 -22.13
C GLY C 16 -6.49 -28.75 -23.20
N GLN C 17 -7.72 -28.88 -23.71
CA GLN C 17 -8.19 -28.02 -24.81
C GLN C 17 -9.46 -27.28 -24.38
N VAL C 18 -9.85 -26.27 -25.16
CA VAL C 18 -11.14 -25.60 -24.94
C VAL C 18 -12.26 -26.62 -25.16
N ASP C 19 -13.20 -26.67 -24.22
CA ASP C 19 -14.33 -27.59 -24.30
C ASP C 19 -15.44 -26.91 -25.09
N GLU C 20 -15.44 -27.10 -26.40
CA GLU C 20 -16.37 -26.36 -27.27
C GLU C 20 -17.82 -26.71 -26.97
N LYS C 21 -18.09 -27.98 -26.67
CA LYS C 21 -19.45 -28.41 -26.40
C LYS C 21 -19.96 -27.79 -25.09
N ALA C 22 -19.14 -27.84 -24.04
CA ALA C 22 -19.54 -27.21 -22.79
C ALA C 22 -19.71 -25.71 -22.95
N LEU C 23 -18.86 -25.08 -23.77
CA LEU C 23 -18.93 -23.64 -23.98
C LEU C 23 -20.26 -23.25 -24.62
N ALA C 24 -20.69 -23.97 -25.66
CA ALA C 24 -21.96 -23.69 -26.31
C ALA C 24 -23.11 -23.88 -25.32
N GLY C 25 -23.05 -24.96 -24.54
CA GLY C 25 -24.07 -25.22 -23.53
C GLY C 25 -24.12 -24.14 -22.46
N LEU C 26 -22.96 -23.60 -22.11
CA LEU C 26 -22.87 -22.55 -21.11
C LEU C 26 -23.51 -21.24 -21.59
N VAL C 27 -23.26 -20.89 -22.84
CA VAL C 27 -23.92 -19.74 -23.43
C VAL C 27 -25.44 -19.90 -23.36
N ASP C 28 -25.95 -21.05 -23.78
CA ASP C 28 -27.40 -21.27 -23.76
C ASP C 28 -27.97 -21.20 -22.34
N TRP C 29 -27.27 -21.82 -21.39
CA TRP C 29 -27.78 -21.90 -20.02
C TRP C 29 -27.75 -20.52 -19.37
N GLN C 30 -26.66 -19.77 -19.58
CA GLN C 30 -26.55 -18.44 -18.98
C GLN C 30 -27.59 -17.48 -19.55
N ILE C 31 -27.83 -17.55 -20.86
CA ILE C 31 -28.87 -16.72 -21.47
C ILE C 31 -30.26 -17.14 -20.98
N LYS C 32 -30.52 -18.45 -20.94
CA LYS C 32 -31.81 -18.97 -20.46
C LYS C 32 -32.11 -18.50 -19.03
N HIS C 33 -31.07 -18.46 -18.20
CA HIS C 33 -31.24 -18.15 -16.78
C HIS C 33 -30.91 -16.70 -16.40
N GLY C 34 -30.91 -15.80 -17.40
CA GLY C 34 -31.00 -14.38 -17.10
C GLY C 34 -29.82 -13.45 -17.37
N ALA C 35 -28.79 -13.93 -18.07
CA ALA C 35 -27.70 -13.05 -18.47
C ALA C 35 -28.24 -11.82 -19.20
N HIS C 36 -27.75 -10.64 -18.85
CA HIS C 36 -28.06 -9.45 -19.65
C HIS C 36 -27.05 -9.22 -20.77
N GLY C 37 -25.92 -9.92 -20.68
CA GLY C 37 -24.85 -9.81 -21.66
C GLY C 37 -23.78 -10.82 -21.27
N LEU C 38 -22.88 -11.06 -22.22
CA LEU C 38 -21.79 -12.04 -22.03
C LEU C 38 -20.46 -11.40 -22.38
N VAL C 39 -19.47 -11.66 -21.54
CA VAL C 39 -18.13 -11.09 -21.71
C VAL C 39 -17.10 -12.23 -21.74
N PRO C 40 -16.91 -12.85 -22.92
CA PRO C 40 -15.94 -13.95 -23.04
C PRO C 40 -14.49 -13.48 -23.09
N VAL C 41 -13.61 -14.33 -22.57
CA VAL C 41 -12.15 -14.16 -22.61
C VAL C 41 -11.67 -12.85 -21.99
N GLY C 42 -12.25 -12.53 -20.85
CA GLY C 42 -11.62 -11.62 -19.89
C GLY C 42 -10.72 -12.39 -18.96
N THR C 43 -10.39 -11.76 -17.83
CA THR C 43 -9.54 -12.37 -16.82
C THR C 43 -10.15 -13.70 -16.33
N THR C 44 -11.46 -13.68 -16.09
CA THR C 44 -12.17 -14.84 -15.55
C THR C 44 -12.23 -15.99 -16.56
N GLY C 45 -12.13 -15.64 -17.85
CA GLY C 45 -12.08 -16.62 -18.93
C GLY C 45 -10.67 -17.11 -19.23
N GLU C 46 -9.72 -16.78 -18.34
CA GLU C 46 -8.33 -17.24 -18.46
C GLU C 46 -7.65 -16.77 -19.73
N SER C 47 -7.95 -15.53 -20.12
CA SER C 47 -7.27 -14.91 -21.26
C SER C 47 -5.73 -15.07 -21.21
N PRO C 48 -5.09 -14.94 -20.03
CA PRO C 48 -3.62 -15.09 -20.05
C PRO C 48 -3.06 -16.45 -20.50
N THR C 49 -3.84 -17.51 -20.32
CA THR C 49 -3.31 -18.85 -20.62
C THR C 49 -3.94 -19.49 -21.86
N LEU C 50 -4.81 -18.76 -22.54
CA LEU C 50 -5.27 -19.17 -23.88
C LEU C 50 -4.23 -18.77 -24.92
N THR C 51 -4.06 -19.59 -25.94
CA THR C 51 -3.27 -19.16 -27.09
C THR C 51 -4.06 -18.08 -27.82
N GLU C 52 -3.39 -17.32 -28.68
CA GLU C 52 -4.09 -16.32 -29.48
C GLU C 52 -5.24 -16.96 -30.29
N GLU C 53 -4.96 -18.14 -30.86
CA GLU C 53 -5.97 -18.87 -31.63
C GLU C 53 -7.16 -19.26 -30.75
N GLU C 54 -6.88 -19.78 -29.54
CA GLU C 54 -7.95 -20.18 -28.61
C GLU C 54 -8.80 -19.00 -28.17
N HIS C 55 -8.14 -17.87 -27.89
CA HIS C 55 -8.84 -16.64 -27.51
C HIS C 55 -9.87 -16.28 -28.58
N LYS C 56 -9.44 -16.22 -29.83
CA LYS C 56 -10.32 -15.87 -30.94
C LYS C 56 -11.42 -16.91 -31.14
N ARG C 57 -11.07 -18.19 -31.03
CA ARG C 57 -12.06 -19.27 -31.16
C ARG C 57 -13.15 -19.19 -30.08
N VAL C 58 -12.76 -18.92 -28.84
CA VAL C 58 -13.77 -18.79 -27.77
C VAL C 58 -14.70 -17.61 -28.03
N VAL C 59 -14.13 -16.46 -28.42
CA VAL C 59 -14.96 -15.30 -28.77
C VAL C 59 -15.93 -15.64 -29.91
N ALA C 60 -15.43 -16.30 -30.96
CA ALA C 60 -16.28 -16.62 -32.11
C ALA C 60 -17.40 -17.57 -31.74
N LEU C 61 -17.08 -18.59 -30.94
CA LEU C 61 -18.07 -19.59 -30.53
C LEU C 61 -19.15 -18.97 -29.64
N VAL C 62 -18.74 -18.08 -28.74
CA VAL C 62 -19.71 -17.42 -27.88
C VAL C 62 -20.61 -16.50 -28.69
N ALA C 63 -20.03 -15.71 -29.58
CA ALA C 63 -20.85 -14.83 -30.42
C ALA C 63 -21.81 -15.65 -31.29
N GLU C 64 -21.33 -16.75 -31.85
CA GLU C 64 -22.16 -17.60 -32.68
CA GLU C 64 -22.15 -17.62 -32.69
C GLU C 64 -23.34 -18.15 -31.89
N GLN C 65 -23.07 -18.73 -30.72
CA GLN C 65 -24.13 -19.38 -29.96
C GLN C 65 -25.08 -18.37 -29.29
N ALA C 66 -24.57 -17.19 -28.94
CA ALA C 66 -25.43 -16.14 -28.39
C ALA C 66 -26.53 -15.72 -29.37
N GLN C 67 -26.22 -15.76 -30.67
CA GLN C 67 -27.20 -15.49 -31.74
C GLN C 67 -27.84 -14.11 -31.59
N GLY C 68 -27.07 -13.16 -31.08
CA GLY C 68 -27.57 -11.79 -30.88
C GLY C 68 -28.65 -11.62 -29.84
N ARG C 69 -28.85 -12.65 -29.00
CA ARG C 69 -29.91 -12.60 -27.99
C ARG C 69 -29.59 -11.63 -26.88
N VAL C 70 -28.30 -11.49 -26.59
CA VAL C 70 -27.79 -10.51 -25.64
C VAL C 70 -26.52 -9.89 -26.22
N PRO C 71 -26.12 -8.70 -25.72
CA PRO C 71 -24.83 -8.11 -26.10
C PRO C 71 -23.65 -9.02 -25.72
N VAL C 72 -22.68 -9.07 -26.62
CA VAL C 72 -21.45 -9.82 -26.40
C VAL C 72 -20.29 -8.84 -26.42
N ILE C 73 -19.60 -8.72 -25.29
CA ILE C 73 -18.45 -7.81 -25.16
C ILE C 73 -17.20 -8.68 -25.08
N ALA C 74 -16.40 -8.69 -26.13
CA ALA C 74 -15.28 -9.63 -26.20
C ALA C 74 -14.04 -9.09 -25.51
N GLY C 75 -13.34 -9.92 -24.74
CA GLY C 75 -12.06 -9.50 -24.18
C GLY C 75 -11.06 -9.21 -25.29
N ALA C 76 -10.42 -8.05 -25.23
CA ALA C 76 -9.31 -7.72 -26.13
C ALA C 76 -8.20 -7.08 -25.31
N GLY C 77 -7.92 -7.70 -24.17
CA GLY C 77 -6.85 -7.24 -23.29
C GLY C 77 -5.48 -7.72 -23.74
N SER C 78 -4.49 -6.86 -23.49
CA SER C 78 -3.07 -7.20 -23.64
C SER C 78 -2.28 -6.04 -23.07
N ASN C 79 -1.04 -6.30 -22.67
CA ASN C 79 -0.13 -5.19 -22.38
C ASN C 79 0.63 -4.69 -23.62
N ASN C 80 0.35 -5.32 -24.77
CA ASN C 80 0.85 -4.90 -26.07
C ASN C 80 -0.32 -4.49 -26.95
N PRO C 81 -0.43 -3.18 -27.28
CA PRO C 81 -1.61 -2.76 -28.06
C PRO C 81 -1.67 -3.38 -29.46
N VAL C 82 -0.54 -3.80 -30.00
CA VAL C 82 -0.51 -4.50 -31.29
C VAL C 82 -1.34 -5.80 -31.21
N GLU C 83 -1.16 -6.53 -30.12
CA GLU C 83 -1.90 -7.76 -29.88
C GLU C 83 -3.38 -7.45 -29.60
N ALA C 84 -3.64 -6.44 -28.77
CA ALA C 84 -5.01 -6.02 -28.47
C ALA C 84 -5.79 -5.69 -29.75
N VAL C 85 -5.13 -5.01 -30.70
CA VAL C 85 -5.74 -4.71 -32.00
C VAL C 85 -6.18 -5.98 -32.73
N ARG C 86 -5.33 -7.01 -32.71
CA ARG C 86 -5.69 -8.28 -33.36
C ARG C 86 -6.93 -8.91 -32.72
N TYR C 87 -7.00 -8.92 -31.39
CA TYR C 87 -8.20 -9.46 -30.73
C TYR C 87 -9.45 -8.66 -31.05
N ALA C 88 -9.31 -7.34 -31.09
CA ALA C 88 -10.46 -6.48 -31.28
C ALA C 88 -10.98 -6.57 -32.71
N GLN C 89 -10.06 -6.64 -33.69
CA GLN C 89 -10.47 -6.80 -35.10
C GLN C 89 -11.17 -8.14 -35.35
N HIS C 90 -10.63 -9.21 -34.78
CA HIS C 90 -11.31 -10.49 -34.85
C HIS C 90 -12.70 -10.44 -34.19
N ALA C 91 -12.79 -9.85 -32.99
CA ALA C 91 -14.08 -9.75 -32.29
C ALA C 91 -15.14 -9.07 -33.14
N GLN C 92 -14.76 -7.97 -33.80
CA GLN C 92 -15.71 -7.27 -34.66
C GLN C 92 -16.18 -8.19 -35.78
N GLN C 93 -15.24 -8.87 -36.42
CA GLN C 93 -15.55 -9.78 -37.53
C GLN C 93 -16.48 -10.91 -37.07
N ALA C 94 -16.28 -11.36 -35.83
CA ALA C 94 -17.07 -12.46 -35.26
C ALA C 94 -18.46 -12.04 -34.79
N GLY C 95 -18.71 -10.74 -34.76
CA GLY C 95 -20.03 -10.22 -34.42
C GLY C 95 -20.18 -9.75 -32.98
N ALA C 96 -19.07 -9.48 -32.31
CA ALA C 96 -19.13 -8.88 -30.99
C ALA C 96 -19.69 -7.46 -31.05
N ASP C 97 -20.38 -7.04 -30.00
CA ASP C 97 -20.95 -5.70 -29.95
C ASP C 97 -19.96 -4.66 -29.48
N ALA C 98 -18.95 -5.11 -28.75
CA ALA C 98 -17.94 -4.22 -28.15
C ALA C 98 -16.79 -5.08 -27.69
N VAL C 99 -15.71 -4.42 -27.27
CA VAL C 99 -14.58 -5.11 -26.63
C VAL C 99 -14.29 -4.53 -25.26
N LEU C 100 -13.72 -5.39 -24.40
CA LEU C 100 -13.27 -4.98 -23.07
C LEU C 100 -11.74 -5.00 -23.07
N CYS C 101 -11.13 -3.85 -22.77
CA CYS C 101 -9.68 -3.71 -22.92
C CYS C 101 -8.97 -3.25 -21.65
N VAL C 102 -8.19 -4.14 -21.06
CA VAL C 102 -7.16 -3.76 -20.08
C VAL C 102 -5.87 -3.43 -20.83
N ALA C 103 -5.04 -2.60 -20.22
CA ALA C 103 -3.73 -2.24 -20.79
C ALA C 103 -2.71 -2.10 -19.68
N GLY C 104 -1.44 -2.26 -20.03
CA GLY C 104 -0.36 -1.76 -19.18
C GLY C 104 0.06 -2.61 -17.99
N TYR C 105 -0.50 -3.80 -17.83
CA TYR C 105 -0.02 -4.67 -16.76
C TYR C 105 1.42 -5.09 -17.03
N TYR C 106 2.20 -5.12 -15.96
CA TYR C 106 3.59 -5.56 -15.98
C TYR C 106 4.59 -4.55 -16.59
N ASN C 107 4.36 -4.10 -17.83
CA ASN C 107 5.20 -3.02 -18.36
C ASN C 107 4.98 -1.65 -17.71
N ARG C 108 3.79 -1.47 -17.13
CA ARG C 108 3.51 -0.34 -16.22
C ARG C 108 3.78 1.05 -16.84
N PRO C 109 3.08 1.36 -17.94
CA PRO C 109 3.29 2.63 -18.64
C PRO C 109 2.69 3.84 -17.92
N SER C 110 3.02 5.01 -18.44
CA SER C 110 2.46 6.27 -17.99
C SER C 110 1.00 6.44 -18.43
N GLN C 111 0.36 7.49 -17.92
CA GLN C 111 -0.99 7.86 -18.36
C GLN C 111 -1.04 8.08 -19.87
N GLU C 112 -0.02 8.74 -20.40
CA GLU C 112 0.04 8.97 -21.85
C GLU C 112 0.16 7.65 -22.61
N GLY C 113 0.99 6.73 -22.12
CA GLY C 113 1.11 5.40 -22.73
C GLY C 113 -0.19 4.63 -22.74
N LEU C 114 -0.93 4.69 -21.62
CA LEU C 114 -2.25 4.06 -21.56
C LEU C 114 -3.18 4.69 -22.58
N TYR C 115 -3.20 6.01 -22.62
CA TYR C 115 -4.03 6.71 -23.60
C TYR C 115 -3.72 6.26 -25.02
N GLN C 116 -2.43 6.23 -25.36
CA GLN C 116 -2.02 5.84 -26.73
C GLN C 116 -2.36 4.38 -27.06
N HIS C 117 -2.27 3.50 -26.07
CA HIS C 117 -2.67 2.11 -26.24
C HIS C 117 -4.15 2.04 -26.64
N PHE C 118 -5.01 2.66 -25.81
CA PHE C 118 -6.45 2.63 -26.07
C PHE C 118 -6.80 3.33 -27.39
N LYS C 119 -6.11 4.42 -27.72
CA LYS C 119 -6.38 5.14 -28.96
C LYS C 119 -6.04 4.26 -30.17
N MET C 120 -4.96 3.50 -30.06
CA MET C 120 -4.58 2.59 -31.13
C MET C 120 -5.66 1.53 -31.38
N VAL C 121 -6.16 0.93 -30.30
CA VAL C 121 -7.25 -0.06 -30.44
C VAL C 121 -8.50 0.61 -31.02
N HIS C 122 -8.84 1.78 -30.48
CA HIS C 122 -10.02 2.56 -30.90
C HIS C 122 -10.02 2.82 -32.40
N ASP C 123 -8.88 3.28 -32.89
CA ASP C 123 -8.75 3.68 -34.30
C ASP C 123 -8.73 2.50 -35.28
N ALA C 124 -8.50 1.28 -34.75
CA ALA C 124 -8.37 0.09 -35.60
C ALA C 124 -9.69 -0.64 -35.81
N ILE C 125 -10.74 -0.24 -35.11
CA ILE C 125 -12.02 -0.96 -35.15
C ILE C 125 -13.22 -0.02 -35.23
N ASP C 126 -14.39 -0.57 -35.55
CA ASP C 126 -15.62 0.23 -35.67
C ASP C 126 -16.58 0.02 -34.51
N ILE C 127 -16.32 -1.00 -33.70
CA ILE C 127 -17.16 -1.28 -32.54
C ILE C 127 -16.60 -0.57 -31.29
N PRO C 128 -17.46 -0.30 -30.30
CA PRO C 128 -17.02 0.41 -29.10
C PRO C 128 -16.18 -0.39 -28.12
N ILE C 129 -15.56 0.36 -27.20
CA ILE C 129 -14.63 -0.17 -26.23
C ILE C 129 -15.05 0.23 -24.82
N ILE C 130 -15.02 -0.76 -23.95
CA ILE C 130 -15.12 -0.58 -22.50
CA ILE C 130 -15.11 -0.54 -22.51
C ILE C 130 -13.69 -0.71 -21.97
N VAL C 131 -13.17 0.36 -21.37
CA VAL C 131 -11.82 0.27 -20.81
CA VAL C 131 -11.83 0.36 -20.78
C VAL C 131 -11.87 -0.37 -19.43
N TYR C 132 -10.84 -1.17 -19.15
CA TYR C 132 -10.83 -2.00 -17.97
C TYR C 132 -9.81 -1.45 -16.98
N ASN C 133 -10.30 -0.85 -15.90
CA ASN C 133 -9.40 -0.23 -14.90
C ASN C 133 -9.28 -1.15 -13.70
N ILE C 134 -8.12 -1.79 -13.56
CA ILE C 134 -7.96 -2.80 -12.50
C ILE C 134 -6.56 -2.74 -11.87
N PRO C 135 -6.28 -1.64 -11.16
CA PRO C 135 -4.99 -1.56 -10.45
C PRO C 135 -4.64 -2.78 -9.56
N PRO C 136 -5.63 -3.38 -8.86
CA PRO C 136 -5.28 -4.56 -8.03
C PRO C 136 -4.63 -5.72 -8.77
N ARG C 137 -4.80 -5.79 -10.10
CA ARG C 137 -4.11 -6.82 -10.91
C ARG C 137 -3.04 -6.21 -11.83
N ALA C 138 -3.26 -4.99 -12.31
CA ALA C 138 -2.39 -4.41 -13.36
C ALA C 138 -1.38 -3.37 -12.83
N VAL C 139 -1.54 -2.97 -11.56
CA VAL C 139 -0.81 -1.87 -10.89
C VAL C 139 -1.17 -0.50 -11.46
N VAL C 140 -1.02 -0.34 -12.78
CA VAL C 140 -1.43 0.90 -13.43
C VAL C 140 -2.90 1.21 -13.15
N ASP C 141 -3.20 2.50 -13.10
CA ASP C 141 -4.52 3.02 -12.78
C ASP C 141 -4.81 4.12 -13.79
N ILE C 142 -5.87 3.95 -14.56
CA ILE C 142 -6.34 4.98 -15.47
C ILE C 142 -6.97 6.08 -14.59
N LYS C 143 -6.27 7.20 -14.43
CA LYS C 143 -6.73 8.28 -13.56
CA LYS C 143 -6.74 8.26 -13.56
C LYS C 143 -7.93 9.02 -14.16
N PRO C 144 -8.73 9.70 -13.31
CA PRO C 144 -9.93 10.38 -13.84
C PRO C 144 -9.69 11.31 -15.04
N GLU C 145 -8.62 12.08 -15.02
CA GLU C 145 -8.34 13.00 -16.13
C GLU C 145 -8.03 12.22 -17.41
N THR C 146 -7.38 11.08 -17.26
CA THR C 146 -7.11 10.21 -18.42
C THR C 146 -8.40 9.57 -18.93
N MET C 147 -9.27 9.13 -18.02
CA MET C 147 -10.59 8.61 -18.38
C MET C 147 -11.40 9.65 -19.16
N ALA C 148 -11.33 10.91 -18.73
CA ALA C 148 -12.03 11.99 -19.43
C ALA C 148 -11.46 12.21 -20.84
N ARG C 149 -10.15 12.10 -20.96
CA ARG C 149 -9.50 12.21 -22.26
C ARG C 149 -9.93 11.07 -23.20
N LEU C 150 -9.96 9.86 -22.64
CA LEU C 150 -10.49 8.68 -23.35
C LEU C 150 -11.95 8.87 -23.75
N ALA C 151 -12.77 9.42 -22.85
CA ALA C 151 -14.19 9.64 -23.14
C ALA C 151 -14.42 10.64 -24.27
N ALA C 152 -13.40 11.44 -24.60
CA ALA C 152 -13.53 12.38 -25.72
C ALA C 152 -13.47 11.68 -27.08
N LEU C 153 -12.97 10.44 -27.09
CA LEU C 153 -12.97 9.60 -28.29
C LEU C 153 -14.36 9.02 -28.51
N PRO C 154 -14.84 8.99 -29.76
CA PRO C 154 -16.24 8.63 -30.03
C PRO C 154 -16.63 7.21 -29.61
N ARG C 155 -15.68 6.28 -29.62
CA ARG C 155 -16.02 4.89 -29.37
C ARG C 155 -15.47 4.30 -28.07
N ILE C 156 -14.93 5.16 -27.19
CA ILE C 156 -14.69 4.77 -25.81
CA ILE C 156 -14.71 4.73 -25.82
C ILE C 156 -16.00 5.06 -25.08
N VAL C 157 -16.71 4.01 -24.68
CA VAL C 157 -18.10 4.20 -24.25
C VAL C 157 -18.38 3.82 -22.80
N GLY C 158 -17.39 3.27 -22.11
CA GLY C 158 -17.59 2.93 -20.71
C GLY C 158 -16.34 2.43 -20.05
N VAL C 159 -16.49 2.03 -18.78
CA VAL C 159 -15.38 1.53 -17.97
C VAL C 159 -15.87 0.36 -17.11
N LYS C 160 -15.02 -0.66 -17.00
CA LYS C 160 -15.18 -1.69 -15.98
C LYS C 160 -14.26 -1.26 -14.85
N ASP C 161 -14.86 -0.74 -13.77
CA ASP C 161 -14.09 -0.18 -12.67
C ASP C 161 -13.88 -1.24 -11.61
N ALA C 162 -12.68 -1.80 -11.61
CA ALA C 162 -12.28 -2.80 -10.62
C ALA C 162 -11.23 -2.21 -9.67
N THR C 163 -11.29 -0.90 -9.46
CA THR C 163 -10.39 -0.25 -8.49
C THR C 163 -10.74 -0.62 -7.06
N THR C 164 -12.01 -0.97 -6.84
CA THR C 164 -12.62 -1.13 -5.50
C THR C 164 -12.66 0.17 -4.68
N ASP C 165 -12.36 1.30 -5.32
CA ASP C 165 -12.43 2.62 -4.69
C ASP C 165 -13.76 3.25 -5.14
N LEU C 166 -14.74 3.25 -4.25
CA LEU C 166 -16.08 3.69 -4.62
C LEU C 166 -16.19 5.21 -4.78
N ALA C 167 -15.14 5.95 -4.44
CA ALA C 167 -15.10 7.37 -4.75
C ALA C 167 -14.75 7.62 -6.22
N ARG C 168 -14.18 6.61 -6.89
CA ARG C 168 -13.64 6.85 -8.23
C ARG C 168 -14.72 7.23 -9.22
N ILE C 169 -15.86 6.52 -9.17
CA ILE C 169 -16.95 6.84 -10.09
C ILE C 169 -17.38 8.30 -9.95
N SER C 170 -17.39 8.82 -8.72
CA SER C 170 -17.76 10.23 -8.50
C SER C 170 -16.76 11.16 -9.20
N ARG C 171 -15.47 10.85 -9.05
CA ARG C 171 -14.43 11.67 -9.67
C ARG C 171 -14.50 11.63 -11.20
N GLU C 172 -14.84 10.48 -11.76
CA GLU C 172 -15.00 10.35 -13.20
C GLU C 172 -16.24 11.07 -13.72
N ARG C 173 -17.36 10.90 -13.02
CA ARG C 173 -18.62 11.56 -13.40
C ARG C 173 -18.51 13.08 -13.38
N MET C 174 -17.68 13.61 -12.50
CA MET C 174 -17.41 15.05 -12.41
C MET C 174 -16.73 15.58 -13.68
N LEU C 175 -16.05 14.70 -14.42
CA LEU C 175 -15.23 15.12 -15.57
C LEU C 175 -15.74 14.68 -16.94
N ILE C 176 -16.71 13.77 -16.97
CA ILE C 176 -17.20 13.23 -18.22
C ILE C 176 -18.58 13.79 -18.53
N ASN C 177 -18.73 14.40 -19.71
CA ASN C 177 -19.93 15.15 -20.10
CA ASN C 177 -19.97 15.09 -20.04
C ASN C 177 -20.75 14.48 -21.20
N LYS C 178 -20.51 13.19 -21.43
CA LYS C 178 -21.31 12.39 -22.36
C LYS C 178 -21.83 11.17 -21.61
N PRO C 179 -22.93 10.58 -22.08
CA PRO C 179 -23.36 9.30 -21.51
C PRO C 179 -22.23 8.26 -21.54
N PHE C 180 -22.09 7.52 -20.45
CA PHE C 180 -20.95 6.63 -20.27
C PHE C 180 -21.42 5.41 -19.50
N SER C 181 -21.03 4.23 -19.97
CA SER C 181 -21.44 2.98 -19.33
C SER C 181 -20.49 2.67 -18.18
N PHE C 182 -20.80 3.22 -17.01
CA PHE C 182 -20.06 2.90 -15.79
C PHE C 182 -20.47 1.53 -15.30
N LEU C 183 -19.53 0.59 -15.32
CA LEU C 183 -19.82 -0.81 -14.92
C LEU C 183 -18.91 -1.25 -13.79
N SER C 184 -19.49 -1.84 -12.75
CA SER C 184 -18.66 -2.37 -11.66
C SER C 184 -17.80 -3.53 -12.14
N GLY C 185 -16.56 -3.57 -11.64
CA GLY C 185 -15.74 -4.75 -11.78
C GLY C 185 -15.57 -5.53 -10.48
N ASP C 186 -16.50 -5.37 -9.54
CA ASP C 186 -16.39 -6.00 -8.22
C ASP C 186 -17.76 -6.40 -7.72
N ASP C 187 -18.03 -7.69 -7.66
CA ASP C 187 -19.35 -8.18 -7.26
C ASP C 187 -19.78 -7.73 -5.86
N MET C 188 -18.85 -7.77 -4.92
CA MET C 188 -19.21 -7.45 -3.53
C MET C 188 -19.72 -6.01 -3.36
N THR C 189 -19.32 -5.10 -4.25
CA THR C 189 -19.72 -3.69 -4.14
C THR C 189 -20.60 -3.24 -5.32
N ALA C 190 -21.19 -4.21 -6.03
CA ALA C 190 -22.03 -3.88 -7.19
C ALA C 190 -23.16 -2.93 -6.86
N ILE C 191 -23.82 -3.12 -5.72
CA ILE C 191 -24.92 -2.24 -5.30
CA ILE C 191 -24.92 -2.24 -5.30
C ILE C 191 -24.41 -0.84 -5.00
N ALA C 192 -23.31 -0.76 -4.25
CA ALA C 192 -22.71 0.52 -3.93
C ALA C 192 -22.39 1.30 -5.21
N TYR C 193 -21.85 0.58 -6.19
CA TYR C 193 -21.43 1.20 -7.44
C TYR C 193 -22.62 1.76 -8.21
N ASN C 194 -23.69 0.98 -8.35
CA ASN C 194 -24.86 1.47 -9.07
C ASN C 194 -25.57 2.62 -8.34
N ALA C 195 -25.55 2.60 -7.01
CA ALA C 195 -26.13 3.68 -6.21
C ALA C 195 -25.38 4.98 -6.44
N SER C 196 -24.11 4.86 -6.88
CA SER C 196 -23.24 6.00 -7.09
C SER C 196 -23.20 6.44 -8.55
N GLY C 197 -24.07 5.86 -9.37
CA GLY C 197 -24.17 6.25 -10.77
C GLY C 197 -23.85 5.14 -11.76
N GLY C 198 -23.45 3.96 -11.26
CA GLY C 198 -23.17 2.81 -12.13
C GLY C 198 -24.42 2.26 -12.81
N GLN C 199 -24.21 1.51 -13.89
CA GLN C 199 -25.39 0.96 -14.58
CA GLN C 199 -25.26 1.01 -14.78
C GLN C 199 -25.27 -0.52 -14.87
N GLY C 200 -24.40 -1.19 -14.11
CA GLY C 200 -24.28 -2.64 -14.24
C GLY C 200 -22.98 -3.14 -13.66
N CYS C 201 -22.70 -4.42 -13.90
CA CYS C 201 -21.49 -5.06 -13.40
C CYS C 201 -21.06 -6.12 -14.39
N ILE C 202 -19.77 -6.14 -14.71
CA ILE C 202 -19.18 -7.29 -15.39
C ILE C 202 -18.75 -8.25 -14.29
N SER C 203 -19.55 -9.29 -14.14
CA SER C 203 -19.66 -10.08 -12.91
C SER C 203 -19.12 -11.51 -13.03
N VAL C 204 -18.39 -11.94 -12.00
CA VAL C 204 -17.95 -13.33 -11.91
C VAL C 204 -19.07 -14.20 -11.34
N SER C 205 -19.71 -13.73 -10.27
CA SER C 205 -20.76 -14.50 -9.59
C SER C 205 -21.96 -14.81 -10.48
N ALA C 206 -22.23 -13.95 -11.45
CA ALA C 206 -23.32 -14.15 -12.40
C ALA C 206 -23.13 -15.39 -13.27
N ASN C 207 -21.90 -15.92 -13.35
CA ASN C 207 -21.68 -17.22 -14.03
C ASN C 207 -22.52 -18.30 -13.38
N ILE C 208 -22.67 -18.20 -12.06
CA ILE C 208 -23.19 -19.26 -11.20
C ILE C 208 -24.63 -19.02 -10.76
N ALA C 209 -24.97 -17.77 -10.51
CA ALA C 209 -26.31 -17.36 -10.11
C ALA C 209 -26.86 -16.26 -11.03
N PRO C 210 -26.96 -16.57 -12.34
CA PRO C 210 -27.37 -15.51 -13.29
C PRO C 210 -28.77 -14.98 -13.03
N ALA C 211 -29.68 -15.84 -12.58
CA ALA C 211 -31.06 -15.39 -12.37
C ALA C 211 -31.16 -14.38 -11.24
N LEU C 212 -30.62 -14.75 -10.08
CA LEU C 212 -30.63 -13.83 -8.93
C LEU C 212 -29.80 -12.57 -9.19
N TYR C 213 -28.63 -12.74 -9.79
CA TYR C 213 -27.79 -11.57 -10.10
C TYR C 213 -28.50 -10.60 -11.06
N GLY C 214 -29.17 -11.14 -12.08
CA GLY C 214 -29.94 -10.33 -13.01
C GLY C 214 -31.05 -9.58 -12.30
N GLN C 215 -31.75 -10.27 -11.40
CA GLN C 215 -32.80 -9.65 -10.60
CA GLN C 215 -32.80 -9.67 -10.59
C GLN C 215 -32.26 -8.51 -9.76
N MET C 216 -31.09 -8.71 -9.16
CA MET C 216 -30.45 -7.68 -8.34
C MET C 216 -30.11 -6.44 -9.17
N GLN C 217 -29.45 -6.67 -10.31
CA GLN C 217 -29.08 -5.57 -11.19
C GLN C 217 -30.29 -4.80 -11.68
N THR C 218 -31.32 -5.51 -12.15
CA THR C 218 -32.55 -4.87 -12.59
C THR C 218 -33.18 -4.03 -11.48
N ALA C 219 -33.18 -4.56 -10.26
CA ALA C 219 -33.69 -3.78 -9.13
C ALA C 219 -32.95 -2.46 -8.97
N THR C 220 -31.62 -2.47 -9.07
CA THR C 220 -30.89 -1.21 -8.95
C THR C 220 -31.25 -0.23 -10.08
N LEU C 221 -31.41 -0.76 -11.29
CA LEU C 221 -31.69 0.06 -12.46
C LEU C 221 -33.09 0.66 -12.41
N GLN C 222 -34.00 -0.01 -11.70
CA GLN C 222 -35.37 0.50 -11.52
C GLN C 222 -35.54 1.30 -10.22
N GLY C 223 -34.45 1.47 -9.48
CA GLY C 223 -34.44 2.30 -8.27
C GLY C 223 -34.87 1.60 -6.99
N ASP C 224 -35.13 0.30 -7.09
CA ASP C 224 -35.58 -0.49 -5.94
C ASP C 224 -34.36 -1.06 -5.20
N PHE C 225 -33.68 -0.18 -4.48
CA PHE C 225 -32.47 -0.57 -3.78
C PHE C 225 -32.71 -1.46 -2.56
N ARG C 226 -33.92 -1.40 -1.99
CA ARG C 226 -34.27 -2.34 -0.90
C ARG C 226 -34.27 -3.77 -1.44
N GLU C 227 -34.93 -3.98 -2.59
CA GLU C 227 -34.94 -5.30 -3.23
C GLU C 227 -33.53 -5.72 -3.63
N ALA C 228 -32.76 -4.79 -4.19
CA ALA C 228 -31.38 -5.09 -4.59
C ALA C 228 -30.56 -5.57 -3.40
N LEU C 229 -30.68 -4.89 -2.26
CA LEU C 229 -29.92 -5.29 -1.07
C LEU C 229 -30.37 -6.64 -0.52
N ARG C 230 -31.66 -6.92 -0.60
CA ARG C 230 -32.18 -8.21 -0.18
C ARG C 230 -31.48 -9.34 -0.96
N ILE C 231 -31.34 -9.15 -2.27
CA ILE C 231 -30.74 -10.18 -3.11
C ILE C 231 -29.21 -10.23 -2.90
N HIS C 232 -28.59 -9.06 -2.78
CA HIS C 232 -27.18 -8.99 -2.42
C HIS C 232 -26.89 -9.84 -1.18
N ASP C 233 -27.77 -9.73 -0.17
CA ASP C 233 -27.61 -10.48 1.07
C ASP C 233 -27.63 -12.00 0.85
N LEU C 234 -28.43 -12.45 -0.11
CA LEU C 234 -28.43 -13.86 -0.52
C LEU C 234 -27.16 -14.28 -1.25
N LEU C 235 -26.55 -13.34 -1.96
CA LEU C 235 -25.43 -13.65 -2.85
C LEU C 235 -24.06 -13.42 -2.22
N ALA C 236 -24.02 -12.65 -1.13
CA ALA C 236 -22.75 -12.28 -0.52
C ALA C 236 -21.89 -13.50 -0.12
N PRO C 237 -22.49 -14.56 0.48
CA PRO C 237 -21.69 -15.77 0.73
C PRO C 237 -21.06 -16.35 -0.54
N LEU C 238 -21.81 -16.39 -1.64
CA LEU C 238 -21.24 -16.84 -2.91
C LEU C 238 -20.08 -15.95 -3.32
N HIS C 239 -20.27 -14.62 -3.24
CA HIS C 239 -19.20 -13.70 -3.61
C HIS C 239 -17.93 -14.01 -2.84
N GLU C 240 -18.05 -14.19 -1.52
CA GLU C 240 -16.87 -14.46 -0.70
C GLU C 240 -16.20 -15.78 -1.11
N ALA C 241 -17.00 -16.83 -1.27
CA ALA C 241 -16.45 -18.16 -1.54
C ALA C 241 -15.80 -18.27 -2.93
N LEU C 242 -16.31 -17.52 -3.92
CA LEU C 242 -15.73 -17.57 -5.27
C LEU C 242 -14.40 -16.85 -5.36
N PHE C 243 -14.07 -16.05 -4.35
CA PHE C 243 -12.81 -15.32 -4.35
C PHE C 243 -11.88 -15.69 -3.21
N ARG C 244 -12.24 -16.75 -2.47
CA ARG C 244 -11.41 -17.13 -1.33
C ARG C 244 -10.02 -17.56 -1.77
N GLU C 245 -9.97 -18.38 -2.81
CA GLU C 245 -8.73 -18.73 -3.50
C GLU C 245 -8.71 -18.01 -4.84
N PRO C 246 -7.53 -17.87 -5.49
CA PRO C 246 -7.46 -17.08 -6.73
C PRO C 246 -8.41 -17.53 -7.84
N SER C 247 -9.30 -16.60 -8.20
CA SER C 247 -10.24 -16.78 -9.30
C SER C 247 -9.50 -16.99 -10.63
N PRO C 248 -10.08 -17.76 -11.55
CA PRO C 248 -11.41 -18.41 -11.54
C PRO C 248 -11.51 -19.83 -10.99
N ALA C 249 -10.60 -20.26 -10.11
CA ALA C 249 -10.71 -21.61 -9.55
C ALA C 249 -12.11 -21.85 -8.97
N GLY C 250 -12.61 -20.87 -8.20
CA GLY C 250 -13.91 -21.00 -7.53
C GLY C 250 -15.08 -21.08 -8.51
N ALA C 251 -15.14 -20.14 -9.45
CA ALA C 251 -16.22 -20.12 -10.44
C ALA C 251 -16.23 -21.41 -11.28
N LYS C 252 -15.04 -21.90 -11.68
CA LYS C 252 -14.98 -23.13 -12.47
C LYS C 252 -15.51 -24.34 -11.68
N TYR C 253 -15.11 -24.43 -10.42
CA TYR C 253 -15.61 -25.51 -9.57
C TYR C 253 -17.12 -25.43 -9.36
N ALA C 254 -17.61 -24.23 -9.04
CA ALA C 254 -19.04 -24.02 -8.87
C ALA C 254 -19.82 -24.44 -10.12
N ALA C 255 -19.33 -24.04 -11.29
CA ALA C 255 -20.00 -24.40 -12.53
C ALA C 255 -20.02 -25.91 -12.74
N SER C 256 -18.95 -26.60 -12.31
CA SER C 256 -18.88 -28.04 -12.45
CA SER C 256 -18.88 -28.04 -12.45
C SER C 256 -19.94 -28.73 -11.60
N LEU C 257 -20.23 -28.15 -10.43
CA LEU C 257 -21.28 -28.69 -9.55
C LEU C 257 -22.68 -28.55 -10.17
N LEU C 258 -22.84 -27.55 -11.04
CA LEU C 258 -24.09 -27.34 -11.76
C LEU C 258 -24.14 -28.18 -13.03
N GLY C 259 -23.10 -28.97 -13.27
CA GLY C 259 -23.04 -29.87 -14.43
C GLY C 259 -22.74 -29.15 -15.73
N LEU C 260 -22.13 -27.97 -15.64
CA LEU C 260 -21.94 -27.12 -16.82
C LEU C 260 -20.61 -27.33 -17.53
N CYS C 261 -19.61 -27.83 -16.80
CA CYS C 261 -18.27 -27.97 -17.35
C CYS C 261 -17.39 -28.74 -16.37
N ASN C 262 -16.17 -29.05 -16.79
CA ASN C 262 -15.17 -29.61 -15.88
C ASN C 262 -14.64 -28.54 -14.94
N GLU C 263 -14.15 -28.95 -13.77
CA GLU C 263 -13.65 -28.00 -12.77
C GLU C 263 -12.27 -27.42 -13.08
N GLU C 264 -11.56 -28.02 -14.02
CA GLU C 264 -10.15 -27.69 -14.23
C GLU C 264 -9.90 -26.29 -14.80
N CYS C 265 -8.85 -25.66 -14.28
CA CYS C 265 -8.29 -24.43 -14.83
C CYS C 265 -6.83 -24.68 -15.20
N ARG C 266 -6.24 -23.76 -15.95
CA ARG C 266 -4.84 -23.89 -16.36
C ARG C 266 -3.90 -23.22 -15.36
N LEU C 267 -2.76 -23.87 -15.12
CA LEU C 267 -1.72 -23.24 -14.29
C LEU C 267 -1.46 -21.82 -14.81
N PRO C 268 -1.25 -20.85 -13.90
CA PRO C 268 -1.01 -20.99 -12.46
C PRO C 268 -2.25 -21.02 -11.56
N ILE C 269 -3.44 -21.13 -12.16
CA ILE C 269 -4.64 -21.38 -11.38
C ILE C 269 -4.59 -22.84 -10.96
N VAL C 270 -4.88 -23.08 -9.68
CA VAL C 270 -4.73 -24.42 -9.10
C VAL C 270 -6.03 -24.95 -8.51
N PRO C 271 -6.13 -26.29 -8.33
CA PRO C 271 -7.33 -26.85 -7.70
C PRO C 271 -7.61 -26.24 -6.33
N LEU C 272 -8.90 -26.11 -6.01
CA LEU C 272 -9.32 -25.63 -4.70
C LEU C 272 -9.00 -26.64 -3.60
N SER C 273 -8.89 -26.14 -2.37
CA SER C 273 -8.81 -27.02 -1.19
C SER C 273 -10.18 -27.69 -0.97
N GLU C 274 -10.19 -28.79 -0.23
CA GLU C 274 -11.44 -29.48 0.07
C GLU C 274 -12.39 -28.59 0.88
N GLN C 275 -11.83 -27.75 1.74
CA GLN C 275 -12.62 -26.79 2.51
C GLN C 275 -13.37 -25.81 1.61
N THR C 276 -12.66 -25.22 0.65
CA THR C 276 -13.30 -24.26 -0.25
C THR C 276 -14.37 -24.95 -1.09
N LYS C 277 -14.05 -26.14 -1.62
CA LYS C 277 -15.01 -26.93 -2.39
C LYS C 277 -16.28 -27.18 -1.59
N SER C 278 -16.10 -27.56 -0.32
CA SER C 278 -17.22 -27.89 0.54
C SER C 278 -18.10 -26.67 0.77
N ASP C 279 -17.48 -25.52 1.04
CA ASP C 279 -18.21 -24.27 1.26
C ASP C 279 -18.99 -23.84 0.02
N ILE C 280 -18.39 -24.00 -1.16
CA ILE C 280 -19.07 -23.69 -2.42
C ILE C 280 -20.25 -24.64 -2.65
N LYS C 281 -20.04 -25.93 -2.40
CA LYS C 281 -21.12 -26.93 -2.54
C LYS C 281 -22.30 -26.55 -1.65
N ASN C 282 -22.02 -26.16 -0.41
CA ASN C 282 -23.07 -25.77 0.53
C ASN C 282 -23.83 -24.55 0.06
N ILE C 283 -23.09 -23.59 -0.50
CA ILE C 283 -23.69 -22.36 -1.01
C ILE C 283 -24.60 -22.65 -2.21
N ILE C 284 -24.14 -23.50 -3.11
CA ILE C 284 -24.95 -23.89 -4.28
C ILE C 284 -26.19 -24.64 -3.83
N ASN C 285 -26.04 -25.55 -2.87
CA ASN C 285 -27.18 -26.30 -2.32
C ASN C 285 -28.26 -25.38 -1.76
N GLU C 286 -27.83 -24.33 -1.06
CA GLU C 286 -28.74 -23.34 -0.48
C GLU C 286 -29.43 -22.49 -1.56
N LEU C 287 -28.67 -22.05 -2.56
CA LEU C 287 -29.21 -21.19 -3.62
C LEU C 287 -30.17 -21.93 -4.55
N TYR C 288 -29.77 -23.11 -5.01
CA TYR C 288 -30.60 -23.91 -5.92
C TYR C 288 -31.53 -24.87 -5.18
N ARG C 289 -31.86 -24.49 -3.94
CA ARG C 289 -32.85 -25.18 -3.11
C ARG C 289 -33.13 -24.38 -1.84
N MET D 1 -29.37 2.66 16.53
CA MET D 1 -30.43 3.68 16.67
C MET D 1 -30.00 5.10 16.29
N PHE D 2 -28.73 5.28 15.97
CA PHE D 2 -28.23 6.55 15.45
C PHE D 2 -28.28 6.52 13.92
N ARG D 3 -28.92 7.54 13.35
CA ARG D 3 -29.23 7.56 11.92
C ARG D 3 -29.05 8.94 11.29
N GLY D 4 -28.72 8.94 10.00
CA GLY D 4 -28.74 10.15 9.19
C GLY D 4 -27.47 10.98 9.24
N SER D 5 -27.66 12.30 9.13
CA SER D 5 -26.56 13.24 9.02
C SER D 5 -26.08 13.64 10.41
N LEU D 6 -24.96 13.07 10.84
CA LEU D 6 -24.38 13.35 12.16
C LEU D 6 -23.11 14.13 11.95
N ILE D 7 -23.07 15.36 12.45
CA ILE D 7 -22.00 16.29 12.09
C ILE D 7 -20.73 16.11 12.94
N ALA D 8 -19.61 15.85 12.26
CA ALA D 8 -18.30 15.79 12.90
C ALA D 8 -17.84 17.22 13.12
N MET D 9 -18.28 17.80 14.24
CA MET D 9 -18.16 19.24 14.44
C MET D 9 -16.74 19.76 14.47
N ILE D 10 -16.53 20.87 13.76
CA ILE D 10 -15.35 21.70 13.96
C ILE D 10 -15.40 22.33 15.36
N THR D 11 -14.23 22.64 15.90
CA THR D 11 -14.10 23.39 17.15
C THR D 11 -13.56 24.79 16.82
N PRO D 12 -14.38 25.83 17.02
CA PRO D 12 -13.95 27.19 16.71
C PRO D 12 -12.98 27.74 17.78
N PHE D 13 -12.00 28.51 17.31
CA PHE D 13 -11.01 29.14 18.20
C PHE D 13 -11.03 30.66 18.05
N ILE D 14 -10.66 31.34 19.13
CA ILE D 14 -10.46 32.80 19.12
C ILE D 14 -9.35 33.13 20.12
N ASN D 15 -8.38 33.92 19.67
CA ASN D 15 -7.24 34.32 20.51
C ASN D 15 -6.56 33.12 21.19
N GLY D 16 -6.46 32.02 20.45
CA GLY D 16 -5.82 30.79 20.94
C GLY D 16 -6.63 29.94 21.91
N GLN D 17 -7.90 30.31 22.10
CA GLN D 17 -8.79 29.62 23.04
C GLN D 17 -10.01 29.06 22.31
N VAL D 18 -10.70 28.11 22.93
CA VAL D 18 -12.01 27.69 22.40
C VAL D 18 -12.93 28.92 22.36
N ASP D 19 -13.56 29.13 21.21
CA ASP D 19 -14.50 30.24 21.05
C ASP D 19 -15.88 29.76 21.50
N GLU D 20 -16.18 29.95 22.78
CA GLU D 20 -17.42 29.43 23.35
C GLU D 20 -18.68 30.02 22.72
N LYS D 21 -18.64 31.32 22.44
CA LYS D 21 -19.80 31.99 21.83
C LYS D 21 -20.06 31.45 20.43
N ALA D 22 -19.00 31.31 19.65
CA ALA D 22 -19.13 30.76 18.31
C ALA D 22 -19.60 29.31 18.35
N LEU D 23 -19.09 28.54 19.32
CA LEU D 23 -19.47 27.14 19.46
C LEU D 23 -20.97 26.98 19.75
N ALA D 24 -21.48 27.76 20.70
CA ALA D 24 -22.90 27.75 21.01
C ALA D 24 -23.75 28.13 19.79
N GLY D 25 -23.31 29.17 19.08
CA GLY D 25 -23.98 29.61 17.85
C GLY D 25 -23.97 28.56 16.76
N LEU D 26 -22.86 27.82 16.68
CA LEU D 26 -22.71 26.75 15.69
C LEU D 26 -23.66 25.59 15.95
N VAL D 27 -23.79 25.19 17.22
CA VAL D 27 -24.77 24.16 17.62
C VAL D 27 -26.17 24.59 17.17
N ASP D 28 -26.56 25.82 17.52
CA ASP D 28 -27.88 26.32 17.15
C ASP D 28 -28.09 26.36 15.63
N TRP D 29 -27.09 26.85 14.91
CA TRP D 29 -27.19 27.00 13.45
C TRP D 29 -27.27 25.64 12.76
N GLN D 30 -26.43 24.70 13.20
CA GLN D 30 -26.42 23.36 12.61
C GLN D 30 -27.72 22.60 12.89
N ILE D 31 -28.26 22.72 14.09
CA ILE D 31 -29.56 22.11 14.41
C ILE D 31 -30.69 22.77 13.60
N LYS D 32 -30.70 24.10 13.56
CA LYS D 32 -31.71 24.85 12.79
C LYS D 32 -31.74 24.40 11.33
N HIS D 33 -30.55 24.14 10.79
CA HIS D 33 -30.40 23.88 9.36
C HIS D 33 -30.25 22.40 9.01
N GLY D 34 -30.66 21.53 9.93
CA GLY D 34 -30.95 20.14 9.58
C GLY D 34 -30.06 19.03 10.10
N ALA D 35 -29.18 19.33 11.07
CA ALA D 35 -28.39 18.28 11.69
C ALA D 35 -29.29 17.20 12.28
N HIS D 36 -28.94 15.93 12.07
CA HIS D 36 -29.64 14.83 12.73
C HIS D 36 -28.93 14.38 14.02
N GLY D 37 -27.72 14.89 14.22
CA GLY D 37 -26.95 14.61 15.44
C GLY D 37 -25.65 15.39 15.36
N LEU D 38 -24.94 15.47 16.49
CA LEU D 38 -23.71 16.25 16.59
C LEU D 38 -22.64 15.39 17.23
N VAL D 39 -21.44 15.43 16.64
CA VAL D 39 -20.31 14.63 17.11
C VAL D 39 -19.13 15.55 17.42
N PRO D 40 -19.13 16.14 18.62
CA PRO D 40 -18.05 17.04 18.99
C PRO D 40 -16.77 16.30 19.37
N VAL D 41 -15.64 17.00 19.18
CA VAL D 41 -14.30 16.56 19.59
CA VAL D 41 -14.30 16.54 19.61
C VAL D 41 -13.88 15.17 19.06
N GLY D 42 -14.11 14.97 17.78
CA GLY D 42 -13.43 13.92 17.01
C GLY D 42 -12.24 14.60 16.35
N THR D 43 -11.59 13.99 15.35
CA THR D 43 -10.42 14.70 14.79
C THR D 43 -10.79 15.93 13.99
N THR D 44 -12.01 15.97 13.44
CA THR D 44 -12.44 17.18 12.74
C THR D 44 -12.58 18.34 13.74
N GLY D 45 -12.87 17.99 15.01
CA GLY D 45 -12.91 18.94 16.12
C GLY D 45 -11.56 19.17 16.75
N GLU D 46 -10.51 18.68 16.10
CA GLU D 46 -9.12 18.86 16.54
C GLU D 46 -8.84 18.27 17.94
N SER D 47 -9.46 17.12 18.21
CA SER D 47 -9.20 16.40 19.46
C SER D 47 -7.70 16.27 19.81
N PRO D 48 -6.83 16.00 18.80
CA PRO D 48 -5.40 15.85 19.18
C PRO D 48 -4.72 17.08 19.78
N THR D 49 -5.23 18.28 19.46
CA THR D 49 -4.58 19.51 19.94
C THR D 49 -5.38 20.26 21.00
N LEU D 50 -6.49 19.67 21.44
CA LEU D 50 -7.23 20.20 22.59
C LEU D 50 -6.60 19.66 23.86
N THR D 51 -6.55 20.49 24.90
CA THR D 51 -6.16 19.99 26.22
C THR D 51 -7.30 19.09 26.75
N GLU D 52 -7.02 18.30 27.77
CA GLU D 52 -8.09 17.49 28.39
C GLU D 52 -9.22 18.39 28.91
N GLU D 53 -8.85 19.51 29.52
CA GLU D 53 -9.81 20.53 29.99
C GLU D 53 -10.70 21.04 28.86
N GLU D 54 -10.09 21.34 27.72
CA GLU D 54 -10.83 21.84 26.55
C GLU D 54 -11.74 20.76 25.97
N HIS D 55 -11.22 19.54 25.86
CA HIS D 55 -11.98 18.41 25.33
C HIS D 55 -13.30 18.28 26.10
N LYS D 56 -13.19 18.23 27.42
CA LYS D 56 -14.35 18.03 28.26
C LYS D 56 -15.32 19.23 28.20
N ARG D 57 -14.77 20.44 28.19
CA ARG D 57 -15.57 21.65 28.15
C ARG D 57 -16.35 21.76 26.83
N VAL D 58 -15.70 21.45 25.71
CA VAL D 58 -16.41 21.48 24.41
C VAL D 58 -17.58 20.49 24.40
N VAL D 59 -17.33 19.26 24.87
CA VAL D 59 -18.41 18.27 24.97
C VAL D 59 -19.57 18.78 25.84
N ALA D 60 -19.24 19.31 27.01
CA ALA D 60 -20.25 19.82 27.93
C ALA D 60 -21.07 20.94 27.31
N LEU D 61 -20.40 21.87 26.63
CA LEU D 61 -21.08 23.01 26.03
C LEU D 61 -21.99 22.60 24.87
N VAL D 62 -21.55 21.63 24.08
CA VAL D 62 -22.35 21.18 22.95
C VAL D 62 -23.59 20.43 23.46
N ALA D 63 -23.40 19.54 24.43
CA ALA D 63 -24.51 18.79 25.02
C ALA D 63 -25.54 19.75 25.64
N GLU D 64 -25.02 20.77 26.35
CA GLU D 64 -25.86 21.78 26.98
C GLU D 64 -26.67 22.56 25.94
N GLN D 65 -25.99 23.06 24.91
CA GLN D 65 -26.63 23.89 23.90
C GLN D 65 -27.61 23.08 23.02
N ALA D 66 -27.30 21.81 22.79
CA ALA D 66 -28.18 20.94 22.01
C ALA D 66 -29.55 20.78 22.68
N GLN D 67 -29.56 20.78 24.02
CA GLN D 67 -30.80 20.71 24.80
C GLN D 67 -31.64 19.51 24.38
N GLY D 68 -30.99 18.39 24.08
CA GLY D 68 -31.68 17.15 23.73
C GLY D 68 -32.40 17.12 22.39
N ARG D 69 -32.21 18.15 21.57
CA ARG D 69 -32.91 18.26 20.28
C ARG D 69 -32.45 17.21 19.26
N VAL D 70 -31.17 16.88 19.33
CA VAL D 70 -30.57 15.83 18.51
C VAL D 70 -29.57 15.07 19.40
N PRO D 71 -29.25 13.81 19.04
CA PRO D 71 -28.25 13.10 19.85
C PRO D 71 -26.87 13.75 19.76
N VAL D 72 -26.15 13.69 20.87
CA VAL D 72 -24.77 14.16 20.93
C VAL D 72 -23.86 12.97 21.22
N ILE D 73 -22.98 12.67 20.27
CA ILE D 73 -22.05 11.56 20.38
C ILE D 73 -20.67 12.17 20.56
N ALA D 74 -20.12 12.08 21.78
CA ALA D 74 -18.86 12.74 22.10
C ALA D 74 -17.66 11.93 21.67
N GLY D 75 -16.66 12.56 21.06
CA GLY D 75 -15.39 11.87 20.83
C GLY D 75 -14.73 11.47 22.16
N ALA D 76 -14.31 10.21 22.24
CA ALA D 76 -13.50 9.73 23.37
C ALA D 76 -12.39 8.87 22.81
N GLY D 77 -11.69 9.43 21.82
CA GLY D 77 -10.60 8.72 21.16
C GLY D 77 -9.30 8.86 21.91
N SER D 78 -8.50 7.81 21.90
CA SER D 78 -7.11 7.85 22.37
C SER D 78 -6.46 6.55 21.98
N ASN D 79 -5.13 6.56 21.89
CA ASN D 79 -4.40 5.30 21.78
C ASN D 79 -4.08 4.68 23.14
N ASN D 80 -4.47 5.36 24.21
CA ASN D 80 -4.34 4.87 25.58
C ASN D 80 -5.74 4.67 26.16
N PRO D 81 -6.16 3.41 26.40
CA PRO D 81 -7.54 3.23 26.91
C PRO D 81 -7.81 3.91 28.25
N VAL D 82 -6.78 4.11 29.08
CA VAL D 82 -6.95 4.80 30.37
C VAL D 82 -7.44 6.23 30.12
N GLU D 83 -6.85 6.88 29.11
CA GLU D 83 -7.25 8.22 28.72
CA GLU D 83 -7.25 8.23 28.74
C GLU D 83 -8.65 8.21 28.11
N ALA D 84 -8.90 7.25 27.23
CA ALA D 84 -10.22 7.10 26.62
C ALA D 84 -11.31 6.96 27.67
N VAL D 85 -11.03 6.19 28.72
CA VAL D 85 -11.98 6.02 29.83
C VAL D 85 -12.31 7.37 30.45
N ARG D 86 -11.30 8.21 30.68
CA ARG D 86 -11.54 9.54 31.27
C ARG D 86 -12.44 10.40 30.39
N TYR D 87 -12.17 10.43 29.08
CA TYR D 87 -13.01 11.20 28.16
C TYR D 87 -14.44 10.69 28.14
N ALA D 88 -14.60 9.36 28.13
CA ALA D 88 -15.92 8.77 28.05
C ALA D 88 -16.72 8.98 29.33
N GLN D 89 -16.05 8.89 30.48
CA GLN D 89 -16.72 9.10 31.75
C GLN D 89 -17.18 10.54 31.86
N HIS D 90 -16.33 11.47 31.45
CA HIS D 90 -16.76 12.86 31.48
C HIS D 90 -17.92 13.10 30.53
N ALA D 91 -17.82 12.57 29.31
CA ALA D 91 -18.88 12.72 28.33
C ALA D 91 -20.22 12.31 28.92
N GLN D 92 -20.25 11.19 29.63
CA GLN D 92 -21.47 10.70 30.25
C GLN D 92 -22.00 11.67 31.30
N GLN D 93 -21.11 12.13 32.18
CA GLN D 93 -21.53 13.05 33.24
C GLN D 93 -22.00 14.40 32.66
N ALA D 94 -21.49 14.75 31.47
CA ALA D 94 -21.86 15.98 30.77
C ALA D 94 -23.15 15.86 29.96
N GLY D 95 -23.71 14.66 29.90
CA GLY D 95 -25.00 14.45 29.25
C GLY D 95 -24.92 14.08 27.78
N ALA D 96 -23.75 13.63 27.33
CA ALA D 96 -23.65 13.04 25.99
C ALA D 96 -24.48 11.76 25.94
N ASP D 97 -24.98 11.43 24.75
CA ASP D 97 -25.84 10.26 24.58
C ASP D 97 -25.06 9.00 24.23
N ALA D 98 -23.85 9.18 23.74
CA ALA D 98 -22.96 8.08 23.34
C ALA D 98 -21.58 8.65 23.19
N VAL D 99 -20.59 7.77 23.00
CA VAL D 99 -19.24 8.20 22.65
C VAL D 99 -18.75 7.53 21.36
N LEU D 100 -17.83 8.22 20.68
CA LEU D 100 -17.19 7.70 19.46
C LEU D 100 -15.73 7.43 19.81
N CYS D 101 -15.28 6.19 19.58
CA CYS D 101 -13.97 5.74 20.07
C CYS D 101 -13.09 5.12 19.00
N VAL D 102 -12.01 5.82 18.65
CA VAL D 102 -10.90 5.23 17.92
C VAL D 102 -9.89 4.67 18.93
N ALA D 103 -9.10 3.69 18.50
CA ALA D 103 -8.05 3.10 19.34
C ALA D 103 -6.82 2.77 18.49
N GLY D 104 -5.67 2.65 19.14
CA GLY D 104 -4.54 1.93 18.55
C GLY D 104 -3.68 2.66 17.53
N TYR D 105 -3.98 3.93 17.27
CA TYR D 105 -3.09 4.68 16.37
C TYR D 105 -1.71 4.83 16.99
N TYR D 106 -0.69 4.72 16.14
CA TYR D 106 0.71 4.92 16.50
C TYR D 106 1.31 3.74 17.27
N ASN D 107 0.73 3.33 18.40
CA ASN D 107 1.22 2.12 19.08
C ASN D 107 0.91 0.80 18.36
N ARG D 108 -0.13 0.80 17.52
CA ARG D 108 -0.37 -0.31 16.57
CA ARG D 108 -0.41 -0.30 16.58
C ARG D 108 -0.52 -1.69 17.24
N PRO D 109 -1.50 -1.83 18.16
CA PRO D 109 -1.71 -3.10 18.85
C PRO D 109 -2.35 -4.16 17.97
N SER D 110 -2.39 -5.39 18.50
CA SER D 110 -3.06 -6.53 17.88
C SER D 110 -4.59 -6.39 17.96
N GLN D 111 -5.30 -7.29 17.30
CA GLN D 111 -6.76 -7.33 17.41
C GLN D 111 -7.21 -7.55 18.85
N GLU D 112 -6.48 -8.39 19.58
CA GLU D 112 -6.78 -8.62 20.98
C GLU D 112 -6.59 -7.34 21.81
N GLY D 113 -5.53 -6.59 21.51
CA GLY D 113 -5.30 -5.31 22.20
C GLY D 113 -6.40 -4.30 21.90
N LEU D 114 -6.83 -4.20 20.65
CA LEU D 114 -7.96 -3.34 20.30
C LEU D 114 -9.22 -3.75 21.05
N TYR D 115 -9.53 -5.05 21.06
CA TYR D 115 -10.67 -5.55 21.79
C TYR D 115 -10.61 -5.14 23.27
N GLN D 116 -9.47 -5.37 23.92
CA GLN D 116 -9.33 -5.02 25.34
C GLN D 116 -9.47 -3.52 25.61
N HIS D 117 -8.97 -2.71 24.68
CA HIS D 117 -9.16 -1.26 24.77
C HIS D 117 -10.65 -0.92 24.82
N PHE D 118 -11.41 -1.39 23.83
CA PHE D 118 -12.83 -1.08 23.76
C PHE D 118 -13.60 -1.66 24.94
N LYS D 119 -13.21 -2.87 25.38
CA LYS D 119 -13.89 -3.48 26.52
C LYS D 119 -13.69 -2.64 27.79
N MET D 120 -12.50 -2.09 27.93
CA MET D 120 -12.19 -1.26 29.10
CA MET D 120 -12.17 -1.24 29.07
C MET D 120 -13.07 -0.01 29.11
N VAL D 121 -13.23 0.64 27.95
CA VAL D 121 -14.09 1.82 27.87
C VAL D 121 -15.55 1.42 28.11
N HIS D 122 -15.97 0.33 27.46
CA HIS D 122 -17.32 -0.21 27.60
C HIS D 122 -17.70 -0.41 29.07
N ASP D 123 -16.82 -1.09 29.80
CA ASP D 123 -17.11 -1.48 31.18
C ASP D 123 -17.08 -0.30 32.16
N ALA D 124 -16.48 0.82 31.74
CA ALA D 124 -16.31 1.98 32.61
C ALA D 124 -17.46 2.98 32.52
N ILE D 125 -18.37 2.81 31.55
CA ILE D 125 -19.45 3.77 31.32
C ILE D 125 -20.81 3.08 31.13
N ASP D 126 -21.88 3.87 31.18
CA ASP D 126 -23.24 3.36 31.00
C ASP D 126 -23.88 3.76 29.67
N ILE D 127 -23.27 4.72 28.98
CA ILE D 127 -23.74 5.15 27.66
C ILE D 127 -23.08 4.31 26.57
N PRO D 128 -23.76 4.17 25.41
CA PRO D 128 -23.24 3.34 24.32
C PRO D 128 -22.03 3.90 23.57
N ILE D 129 -21.38 3.02 22.83
CA ILE D 129 -20.16 3.30 22.10
C ILE D 129 -20.34 3.01 20.62
N ILE D 130 -19.89 3.96 19.80
CA ILE D 130 -19.69 3.76 18.37
C ILE D 130 -18.19 3.56 18.17
N VAL D 131 -17.80 2.39 17.68
CA VAL D 131 -16.41 2.04 17.35
CA VAL D 131 -16.38 2.16 17.42
C VAL D 131 -15.96 2.82 16.11
N TYR D 132 -14.77 3.42 16.13
CA TYR D 132 -14.29 4.22 15.01
C TYR D 132 -13.17 3.46 14.30
N ASN D 133 -13.47 2.98 13.09
CA ASN D 133 -12.49 2.21 12.33
C ASN D 133 -11.93 3.08 11.22
N ILE D 134 -10.66 3.48 11.36
CA ILE D 134 -10.05 4.42 10.40
C ILE D 134 -8.58 4.07 10.11
N PRO D 135 -8.34 2.94 9.44
CA PRO D 135 -6.97 2.58 9.06
C PRO D 135 -6.19 3.70 8.31
N PRO D 136 -6.85 4.48 7.42
CA PRO D 136 -6.08 5.55 6.76
C PRO D 136 -5.40 6.57 7.67
N ARG D 137 -5.87 6.70 8.91
CA ARG D 137 -5.20 7.56 9.90
C ARG D 137 -4.49 6.76 10.98
N ALA D 138 -5.09 5.64 11.38
CA ALA D 138 -4.63 4.90 12.56
C ALA D 138 -3.74 3.70 12.25
N VAL D 139 -3.69 3.32 10.96
CA VAL D 139 -3.03 2.11 10.46
C VAL D 139 -3.74 0.81 10.88
N VAL D 140 -3.97 0.65 12.18
CA VAL D 140 -4.73 -0.51 12.66
C VAL D 140 -6.12 -0.55 12.05
N ASP D 141 -6.60 -1.76 11.87
CA ASP D 141 -7.89 -2.01 11.24
C ASP D 141 -8.60 -3.01 12.13
N ILE D 142 -9.75 -2.60 12.65
CA ILE D 142 -10.63 -3.52 13.37
C ILE D 142 -11.27 -4.45 12.33
N LYS D 143 -10.79 -5.69 12.30
CA LYS D 143 -11.22 -6.65 11.30
C LYS D 143 -12.64 -7.14 11.59
N PRO D 144 -13.34 -7.63 10.55
CA PRO D 144 -14.73 -8.04 10.76
C PRO D 144 -14.97 -9.00 11.95
N GLU D 145 -14.10 -9.99 12.14
CA GLU D 145 -14.27 -10.91 13.27
C GLU D 145 -14.11 -10.21 14.61
N THR D 146 -13.24 -9.21 14.67
CA THR D 146 -13.08 -8.40 15.88
C THR D 146 -14.30 -7.51 16.10
N MET D 147 -14.83 -6.95 15.00
CA MET D 147 -16.04 -6.15 15.10
C MET D 147 -17.21 -6.98 15.64
N ALA D 148 -17.30 -8.23 15.17
CA ALA D 148 -18.33 -9.16 15.64
C ALA D 148 -18.14 -9.48 17.12
N ARG D 149 -16.90 -9.63 17.54
CA ARG D 149 -16.58 -9.86 18.94
C ARG D 149 -17.00 -8.66 19.80
N LEU D 150 -16.70 -7.46 19.31
CA LEU D 150 -17.13 -6.23 19.96
C LEU D 150 -18.66 -6.12 20.03
N ALA D 151 -19.34 -6.51 18.96
CA ALA D 151 -20.81 -6.47 18.91
C ALA D 151 -21.48 -7.39 19.94
N ALA D 152 -20.72 -8.36 20.47
CA ALA D 152 -21.25 -9.25 21.51
C ALA D 152 -21.39 -8.53 22.85
N LEU D 153 -20.72 -7.38 22.99
CA LEU D 153 -20.85 -6.54 24.18
C LEU D 153 -22.12 -5.70 24.07
N PRO D 154 -22.88 -5.58 25.18
CA PRO D 154 -24.21 -4.97 25.10
C PRO D 154 -24.24 -3.50 24.68
N ARG D 155 -23.21 -2.72 25.01
CA ARG D 155 -23.25 -1.29 24.73
C ARG D 155 -22.30 -0.85 23.60
N ILE D 156 -21.77 -1.81 22.86
CA ILE D 156 -21.12 -1.49 21.58
C ILE D 156 -22.25 -1.55 20.55
N VAL D 157 -22.63 -0.39 20.03
CA VAL D 157 -23.89 -0.31 19.28
C VAL D 157 -23.77 0.11 17.82
N GLY D 158 -22.56 0.43 17.36
CA GLY D 158 -22.39 0.85 15.99
C GLY D 158 -20.94 1.03 15.63
N VAL D 159 -20.71 1.38 14.37
CA VAL D 159 -19.39 1.65 13.85
C VAL D 159 -19.40 2.90 12.97
N LYS D 160 -18.34 3.70 13.07
CA LYS D 160 -18.05 4.72 12.08
C LYS D 160 -16.98 4.11 11.18
N ASP D 161 -17.40 3.70 9.98
CA ASP D 161 -16.51 2.99 9.07
C ASP D 161 -15.84 3.98 8.12
N ALA D 162 -14.58 4.30 8.44
CA ALA D 162 -13.77 5.17 7.60
C ALA D 162 -12.66 4.40 6.88
N THR D 163 -12.90 3.12 6.61
CA THR D 163 -11.95 2.31 5.84
C THR D 163 -11.88 2.74 4.37
N THR D 164 -13.00 3.28 3.88
CA THR D 164 -13.26 3.55 2.45
C THR D 164 -13.29 2.28 1.59
N ASP D 165 -13.38 1.12 2.25
CA ASP D 165 -13.53 -0.15 1.58
C ASP D 165 -15.01 -0.50 1.67
N LEU D 166 -15.72 -0.35 0.56
CA LEU D 166 -17.17 -0.52 0.60
C LEU D 166 -17.63 -1.97 0.71
N ALA D 167 -16.68 -2.91 0.56
CA ALA D 167 -16.97 -4.31 0.84
C ALA D 167 -17.05 -4.57 2.34
N ARG D 168 -16.46 -3.69 3.16
CA ARG D 168 -16.31 -3.97 4.58
C ARG D 168 -17.66 -4.08 5.27
N ILE D 169 -18.59 -3.18 4.94
CA ILE D 169 -19.90 -3.24 5.57
C ILE D 169 -20.57 -4.59 5.29
N SER D 170 -20.41 -5.12 4.07
CA SER D 170 -20.96 -6.44 3.75
C SER D 170 -20.33 -7.53 4.62
N ARG D 171 -19.02 -7.48 4.80
CA ARG D 171 -18.32 -8.48 5.60
C ARG D 171 -18.74 -8.40 7.07
N GLU D 172 -18.98 -7.19 7.56
CA GLU D 172 -19.45 -6.99 8.93
C GLU D 172 -20.90 -7.44 9.10
N ARG D 173 -21.75 -7.09 8.14
CA ARG D 173 -23.18 -7.50 8.17
C ARG D 173 -23.36 -9.01 8.08
N MET D 174 -22.41 -9.69 7.43
CA MET D 174 -22.42 -11.14 7.33
C MET D 174 -22.15 -11.79 8.68
N LEU D 175 -21.57 -11.02 9.61
CA LEU D 175 -21.18 -11.56 10.93
C LEU D 175 -21.97 -10.99 12.11
N ILE D 176 -22.61 -9.84 11.93
CA ILE D 176 -23.32 -9.18 13.02
C ILE D 176 -24.82 -9.28 12.83
N ASN D 177 -25.51 -9.83 13.82
CA ASN D 177 -26.93 -10.15 13.70
C ASN D 177 -27.84 -9.21 14.50
N LYS D 178 -27.27 -8.56 15.51
CA LYS D 178 -28.04 -7.66 16.37
C LYS D 178 -28.24 -6.28 15.73
N PRO D 179 -29.23 -5.50 16.21
CA PRO D 179 -29.37 -4.11 15.79
C PRO D 179 -28.04 -3.37 15.95
N PHE D 180 -27.61 -2.69 14.89
CA PHE D 180 -26.26 -2.08 14.86
C PHE D 180 -26.30 -0.85 13.96
N SER D 181 -25.77 0.26 14.46
CA SER D 181 -25.73 1.49 13.69
C SER D 181 -24.48 1.52 12.81
N PHE D 182 -24.62 1.09 11.55
CA PHE D 182 -23.56 1.20 10.56
C PHE D 182 -23.56 2.62 10.01
N LEU D 183 -22.48 3.35 10.26
CA LEU D 183 -22.37 4.75 9.88
C LEU D 183 -21.14 4.96 9.02
N SER D 184 -21.30 5.68 7.91
CA SER D 184 -20.17 5.99 7.05
C SER D 184 -19.25 6.97 7.74
N GLY D 185 -17.94 6.80 7.53
CA GLY D 185 -16.96 7.80 7.93
C GLY D 185 -16.30 8.47 6.74
N ASP D 186 -16.99 8.51 5.60
CA ASP D 186 -16.43 9.05 4.37
C ASP D 186 -17.52 9.70 3.54
N ASP D 187 -17.52 11.03 3.49
CA ASP D 187 -18.54 11.79 2.76
C ASP D 187 -18.67 11.40 1.30
N MET D 188 -17.55 11.19 0.63
CA MET D 188 -17.61 10.93 -0.81
C MET D 188 -18.34 9.63 -1.16
N THR D 189 -18.37 8.69 -0.21
CA THR D 189 -19.01 7.39 -0.45
C THR D 189 -20.21 7.14 0.46
N ALA D 190 -20.75 8.21 1.04
CA ALA D 190 -21.89 8.08 1.96
C ALA D 190 -23.09 7.38 1.31
N ILE D 191 -23.38 7.71 0.05
CA ILE D 191 -24.53 7.11 -0.68
C ILE D 191 -24.29 5.62 -0.88
N ALA D 192 -23.09 5.29 -1.33
CA ALA D 192 -22.69 3.90 -1.54
C ALA D 192 -22.82 3.10 -0.26
N TYR D 193 -22.42 3.70 0.86
CA TYR D 193 -22.44 3.02 2.15
C TYR D 193 -23.88 2.73 2.57
N ASN D 194 -24.76 3.72 2.46
CA ASN D 194 -26.16 3.49 2.83
C ASN D 194 -26.87 2.52 1.91
N ALA D 195 -26.54 2.53 0.62
CA ALA D 195 -27.12 1.55 -0.30
C ALA D 195 -26.71 0.12 0.06
N SER D 196 -25.59 0.00 0.79
CA SER D 196 -25.05 -1.28 1.17
C SER D 196 -25.49 -1.71 2.57
N GLY D 197 -26.41 -0.97 3.17
CA GLY D 197 -26.93 -1.32 4.49
C GLY D 197 -26.66 -0.30 5.59
N GLY D 198 -25.90 0.75 5.26
CA GLY D 198 -25.63 1.81 6.24
C GLY D 198 -26.85 2.66 6.52
N GLN D 199 -26.81 3.38 7.64
CA GLN D 199 -27.97 4.20 8.00
C GLN D 199 -27.62 5.63 8.38
N GLY D 200 -26.44 6.07 7.97
CA GLY D 200 -26.05 7.44 8.24
C GLY D 200 -24.58 7.69 7.99
N CYS D 201 -24.12 8.89 8.30
CA CYS D 201 -22.73 9.26 8.09
C CYS D 201 -22.36 10.26 9.15
N ILE D 202 -21.20 10.04 9.78
CA ILE D 202 -20.59 11.05 10.63
C ILE D 202 -19.71 11.88 9.68
N SER D 203 -20.21 13.08 9.36
CA SER D 203 -19.85 13.84 8.18
C SER D 203 -19.08 15.11 8.49
N VAL D 204 -18.05 15.40 7.70
CA VAL D 204 -17.34 16.67 7.77
C VAL D 204 -18.11 17.75 6.97
N SER D 205 -18.52 17.40 5.75
CA SER D 205 -19.21 18.36 4.87
C SER D 205 -20.49 18.89 5.44
N ALA D 206 -21.15 18.09 6.27
CA ALA D 206 -22.41 18.52 6.92
C ALA D 206 -22.21 19.72 7.85
N ASN D 207 -20.98 19.99 8.27
CA ASN D 207 -20.67 21.25 9.00
C ASN D 207 -21.11 22.46 8.22
N ILE D 208 -20.95 22.36 6.89
CA ILE D 208 -21.01 23.50 5.98
C ILE D 208 -22.32 23.53 5.19
N ALA D 209 -22.82 22.36 4.82
CA ALA D 209 -24.08 22.24 4.09
C ALA D 209 -25.04 21.29 4.83
N PRO D 210 -25.40 21.63 6.09
CA PRO D 210 -26.25 20.69 6.83
C PRO D 210 -27.62 20.44 6.19
N ALA D 211 -28.22 21.46 5.57
CA ALA D 211 -29.54 21.31 4.98
C ALA D 211 -29.53 20.31 3.83
N LEU D 212 -28.62 20.51 2.88
CA LEU D 212 -28.51 19.59 1.75
C LEU D 212 -28.06 18.20 2.20
N TYR D 213 -27.06 18.14 3.09
CA TYR D 213 -26.57 16.86 3.56
C TYR D 213 -27.67 16.04 4.27
N GLY D 214 -28.45 16.71 5.10
CA GLY D 214 -29.58 16.07 5.77
C GLY D 214 -30.61 15.55 4.78
N GLN D 215 -30.91 16.36 3.77
CA GLN D 215 -31.84 15.95 2.70
C GLN D 215 -31.33 14.69 1.98
N MET D 216 -30.02 14.65 1.71
CA MET D 216 -29.40 13.52 1.02
C MET D 216 -29.51 12.25 1.87
N GLN D 217 -29.15 12.37 3.14
CA GLN D 217 -29.24 11.25 4.09
C GLN D 217 -30.68 10.74 4.20
N THR D 218 -31.62 11.65 4.44
CA THR D 218 -33.03 11.28 4.50
C THR D 218 -33.49 10.57 3.22
N ALA D 219 -33.06 11.05 2.06
CA ALA D 219 -33.41 10.39 0.80
C ALA D 219 -32.94 8.93 0.77
N THR D 220 -31.70 8.66 1.21
CA THR D 220 -31.22 7.28 1.25
C THR D 220 -32.06 6.43 2.21
N LEU D 221 -32.43 7.02 3.36
CA LEU D 221 -33.18 6.30 4.38
C LEU D 221 -34.59 5.98 3.93
N GLN D 222 -35.11 6.78 3.01
CA GLN D 222 -36.46 6.58 2.45
C GLN D 222 -36.43 5.75 1.16
N GLY D 223 -35.22 5.35 0.76
CA GLY D 223 -35.05 4.51 -0.44
C GLY D 223 -35.05 5.30 -1.73
N ASP D 224 -35.00 6.62 -1.62
CA ASP D 224 -34.99 7.48 -2.81
C ASP D 224 -33.55 7.77 -3.23
N PHE D 225 -32.91 6.77 -3.83
CA PHE D 225 -31.51 6.89 -4.20
C PHE D 225 -31.25 7.79 -5.40
N ARG D 226 -32.24 7.97 -6.27
CA ARG D 226 -32.12 8.95 -7.35
C ARG D 226 -31.96 10.36 -6.78
N GLU D 227 -32.82 10.70 -5.83
CA GLU D 227 -32.76 11.98 -5.14
C GLU D 227 -31.46 12.15 -4.36
N ALA D 228 -31.05 11.10 -3.65
CA ALA D 228 -29.78 11.13 -2.91
C ALA D 228 -28.60 11.43 -3.86
N LEU D 229 -28.57 10.77 -5.01
CA LEU D 229 -27.48 10.99 -5.95
C LEU D 229 -27.52 12.40 -6.57
N ARG D 230 -28.72 12.92 -6.81
CA ARG D 230 -28.86 14.30 -7.29
C ARG D 230 -28.19 15.27 -6.31
N ILE D 231 -28.46 15.10 -5.02
CA ILE D 231 -27.88 15.98 -4.01
C ILE D 231 -26.37 15.73 -3.85
N HIS D 232 -25.96 14.46 -3.89
CA HIS D 232 -24.54 14.11 -3.84
C HIS D 232 -23.78 14.85 -4.95
N ASP D 233 -24.36 14.89 -6.15
CA ASP D 233 -23.75 15.59 -7.27
C ASP D 233 -23.59 17.09 -7.02
N LEU D 234 -24.52 17.69 -6.29
CA LEU D 234 -24.39 19.09 -5.88
C LEU D 234 -23.27 19.30 -4.86
N LEU D 235 -23.05 18.29 -4.02
CA LEU D 235 -22.10 18.38 -2.91
C LEU D 235 -20.70 17.88 -3.24
N ALA D 236 -20.55 17.10 -4.31
CA ALA D 236 -19.25 16.50 -4.62
C ALA D 236 -18.09 17.53 -4.75
N PRO D 237 -18.30 18.68 -5.43
CA PRO D 237 -17.25 19.71 -5.44
C PRO D 237 -16.87 20.19 -4.04
N LEU D 238 -17.85 20.36 -3.16
CA LEU D 238 -17.57 20.72 -1.76
C LEU D 238 -16.75 19.62 -1.08
N HIS D 239 -17.16 18.37 -1.24
CA HIS D 239 -16.40 17.26 -0.65
C HIS D 239 -14.92 17.35 -1.07
N GLU D 240 -14.67 17.55 -2.36
CA GLU D 240 -13.30 17.60 -2.87
C GLU D 240 -12.51 18.76 -2.25
N ALA D 241 -13.12 19.95 -2.22
CA ALA D 241 -12.40 21.14 -1.75
C ALA D 241 -12.13 21.09 -0.24
N LEU D 242 -13.03 20.49 0.53
CA LEU D 242 -12.84 20.40 1.98
C LEU D 242 -11.72 19.42 2.38
N PHE D 243 -11.32 18.54 1.48
CA PHE D 243 -10.26 17.58 1.77
C PHE D 243 -9.02 17.73 0.90
N ARG D 244 -8.98 18.79 0.09
CA ARG D 244 -7.82 19.04 -0.76
C ARG D 244 -6.55 19.17 0.06
N GLU D 245 -6.60 20.03 1.08
CA GLU D 245 -5.52 20.16 2.07
C GLU D 245 -5.96 19.44 3.34
N PRO D 246 -5.01 19.14 4.24
CA PRO D 246 -5.40 18.37 5.43
C PRO D 246 -6.52 19.00 6.29
N SER D 247 -7.61 18.26 6.40
CA SER D 247 -8.78 18.65 7.19
C SER D 247 -8.38 18.69 8.67
N PRO D 248 -9.01 19.59 9.47
CA PRO D 248 -10.16 20.45 9.16
C PRO D 248 -9.84 21.88 8.64
N ALA D 249 -8.70 22.09 8.00
CA ALA D 249 -8.41 23.43 7.49
C ALA D 249 -9.52 23.95 6.57
N GLY D 250 -9.96 23.08 5.66
CA GLY D 250 -11.01 23.41 4.68
C GLY D 250 -12.34 23.76 5.35
N ALA D 251 -12.82 22.86 6.20
CA ALA D 251 -14.08 23.08 6.92
C ALA D 251 -14.06 24.34 7.78
N LYS D 252 -12.96 24.60 8.46
CA LYS D 252 -12.87 25.79 9.31
C LYS D 252 -12.94 27.07 8.48
N TYR D 253 -12.25 27.07 7.34
CA TYR D 253 -12.29 28.23 6.46
C TYR D 253 -13.69 28.44 5.87
N ALA D 254 -14.31 27.36 5.40
CA ALA D 254 -15.66 27.44 4.83
C ALA D 254 -16.66 28.00 5.85
N ALA D 255 -16.58 27.50 7.09
CA ALA D 255 -17.44 27.99 8.17
C ALA D 255 -17.22 29.48 8.43
N SER D 256 -15.98 29.94 8.29
CA SER D 256 -15.68 31.36 8.47
C SER D 256 -16.33 32.23 7.39
N LEU D 257 -16.41 31.70 6.17
CA LEU D 257 -17.10 32.40 5.09
C LEU D 257 -18.61 32.55 5.35
N LEU D 258 -19.15 31.62 6.12
CA LEU D 258 -20.55 31.63 6.50
C LEU D 258 -20.79 32.48 7.75
N GLY D 259 -19.71 33.05 8.28
CA GLY D 259 -19.78 33.94 9.44
C GLY D 259 -19.96 33.20 10.76
N LEU D 260 -19.63 31.93 10.79
CA LEU D 260 -19.89 31.07 11.95
C LEU D 260 -18.76 31.05 12.98
N CYS D 261 -17.54 31.34 12.52
CA CYS D 261 -16.35 31.26 13.37
C CYS D 261 -15.15 31.81 12.64
N ASN D 262 -14.03 31.94 13.34
CA ASN D 262 -12.76 32.30 12.73
C ASN D 262 -12.18 31.10 11.98
N GLU D 263 -11.33 31.38 11.00
CA GLU D 263 -10.80 30.32 10.14
C GLU D 263 -9.66 29.50 10.76
N GLU D 264 -9.11 29.97 11.88
CA GLU D 264 -7.88 29.39 12.44
C GLU D 264 -8.04 27.97 12.96
N CYS D 265 -7.03 27.16 12.69
CA CYS D 265 -6.86 25.84 13.32
C CYS D 265 -5.51 25.81 14.02
N ARG D 266 -5.30 24.80 14.85
CA ARG D 266 -4.05 24.67 15.59
C ARG D 266 -3.04 23.82 14.84
N LEU D 267 -1.77 24.23 14.87
CA LEU D 267 -0.70 23.39 14.31
C LEU D 267 -0.85 21.96 14.85
N PRO D 268 -0.59 20.95 14.01
CA PRO D 268 0.01 21.01 12.67
C PRO D 268 -0.93 21.26 11.50
N ILE D 269 -2.20 21.61 11.78
CA ILE D 269 -3.09 22.07 10.72
C ILE D 269 -2.64 23.49 10.37
N VAL D 270 -2.57 23.79 9.07
CA VAL D 270 -2.02 25.07 8.63
C VAL D 270 -3.02 25.84 7.77
N PRO D 271 -2.82 27.16 7.62
CA PRO D 271 -3.70 27.93 6.74
C PRO D 271 -3.73 27.39 5.31
N LEU D 272 -4.89 27.51 4.68
CA LEU D 272 -5.08 27.11 3.29
C LEU D 272 -4.31 28.02 2.35
N SER D 273 -3.99 27.48 1.18
CA SER D 273 -3.46 28.30 0.08
C SER D 273 -4.57 29.21 -0.45
N GLU D 274 -4.17 30.28 -1.13
CA GLU D 274 -5.15 31.18 -1.74
C GLU D 274 -6.02 30.48 -2.77
N GLN D 275 -5.44 29.54 -3.51
CA GLN D 275 -6.17 28.75 -4.50
C GLN D 275 -7.30 27.94 -3.86
N THR D 276 -6.99 27.23 -2.77
CA THR D 276 -8.01 26.46 -2.09
C THR D 276 -9.10 27.35 -1.51
N LYS D 277 -8.71 28.47 -0.91
CA LYS D 277 -9.67 29.44 -0.36
C LYS D 277 -10.64 29.92 -1.45
N SER D 278 -10.08 30.27 -2.61
CA SER D 278 -10.88 30.75 -3.73
C SER D 278 -11.89 29.69 -4.21
N ASP D 279 -11.42 28.45 -4.35
CA ASP D 279 -12.29 27.34 -4.76
C ASP D 279 -13.44 27.10 -3.77
N ILE D 280 -13.13 27.15 -2.47
CA ILE D 280 -14.15 27.01 -1.44
C ILE D 280 -15.14 28.16 -1.50
N LYS D 281 -14.64 29.39 -1.65
CA LYS D 281 -15.48 30.57 -1.76
C LYS D 281 -16.47 30.44 -2.92
N ASN D 282 -15.99 29.95 -4.05
CA ASN D 282 -16.84 29.78 -5.25
C ASN D 282 -17.90 28.70 -5.05
N ILE D 283 -17.54 27.63 -4.37
CA ILE D 283 -18.47 26.55 -4.03
C ILE D 283 -19.56 27.02 -3.07
N ILE D 284 -19.16 27.74 -2.02
CA ILE D 284 -20.09 28.34 -1.05
C ILE D 284 -21.08 29.27 -1.75
N ASN D 285 -20.57 30.15 -2.60
CA ASN D 285 -21.40 31.08 -3.38
C ASN D 285 -22.41 30.35 -4.27
N GLU D 286 -21.99 29.23 -4.85
CA GLU D 286 -22.85 28.42 -5.69
C GLU D 286 -23.96 27.71 -4.88
N LEU D 287 -23.60 27.11 -3.76
CA LEU D 287 -24.57 26.43 -2.89
C LEU D 287 -25.55 27.39 -2.22
N TYR D 288 -25.05 28.47 -1.64
CA TYR D 288 -25.89 29.37 -0.85
C TYR D 288 -26.59 30.46 -1.67
N ARG D 289 -26.67 30.23 -2.99
CA ARG D 289 -27.50 30.99 -3.94
C ARG D 289 -26.86 30.99 -5.34
#